data_4R0V
#
_entry.id   4R0V
#
_cell.length_a   77.645
_cell.length_b   70.964
_cell.length_c   94.686
_cell.angle_alpha   90.00
_cell.angle_beta   91.91
_cell.angle_gamma   90.00
#
_symmetry.space_group_name_H-M   'P 1 21 1'
#
loop_
_entity.id
_entity.type
_entity.pdbx_description
1 polymer Fe-hydrogenase
2 non-polymer 'IRON/SULFUR CLUSTER'
3 non-polymer 'CHLORIDE ION'
4 non-polymer ARSENIC
5 water water
#
_entity_poly.entity_id   1
_entity_poly.type   'polypeptide(L)'
_entity_poly.pdbx_seq_one_letter_code
;MSALVLKPCAAVSIRGSSCRARQVAPRAPLAASTVRVALATLEAPARRLGNVACAAAAPAAEAPLSHVQQALAELAKPKD
DPTRKHV(CSD)VQVAPAVRVAIAETLGLAPGATTPKQLAEGLRRLGFDEVFDTLFGADLTIMEEGSELLHRLTEHLEAH
PHSDEPLPMFTS(CSO)CPGWIAMLEKSYPDLIPYVSSCKSPQMMLAAMVKSYLAEKKGIAPKDMVMVSIMPCTRKQSEA
DRDWF(CSO)VDADPTLRQLDHVITTVELGNIFKERGINLAELPEGEWDNPMGVGSGAGVLFGTTGGVMEAALRTAYELF
TGTPLPRLSLSEVRGMDGIKETNITMVPAPGSKFEELLKHRAAARAEAAAHGTPGPLAWDGGAGFTSEDGRGGITLRVAV
ANGLGNAKKLITKMQAGEAKYDFVEIMACPAGCVGGGGQPRSTDKAITQKRQAALYNLDEKSTLRRSHENPSIRELYDTY
LGEPLGHKAHELLHTHYVAGGVEEKDEKKLEIEGRQLGWSHPQFEK
;
_entity_poly.pdbx_strand_id   A,B
#
loop_
_chem_comp.id
_chem_comp.type
_chem_comp.name
_chem_comp.formula
ARS non-polymer ARSENIC As
CL non-polymer 'CHLORIDE ION' 'Cl -1'
SF4 non-polymer 'IRON/SULFUR CLUSTER' 'Fe4 S4'
#
# COMPACT_ATOMS: atom_id res chain seq x y z
N LEU A 65 -30.35 -14.76 16.03
CA LEU A 65 -29.79 -14.61 17.44
C LEU A 65 -28.90 -13.36 17.59
N SER A 66 -29.06 -12.64 18.69
CA SER A 66 -28.17 -11.50 19.00
C SER A 66 -26.71 -11.98 19.07
N HIS A 67 -25.76 -11.05 19.06
CA HIS A 67 -24.36 -11.37 19.32
C HIS A 67 -24.05 -11.83 20.78
N VAL A 68 -24.73 -11.28 21.77
CA VAL A 68 -24.65 -11.79 23.13
C VAL A 68 -25.05 -13.28 23.15
N GLN A 69 -26.17 -13.66 22.51
CA GLN A 69 -26.70 -15.04 22.52
C GLN A 69 -25.71 -15.93 21.79
N GLN A 70 -25.10 -15.45 20.70
CA GLN A 70 -24.15 -16.28 19.97
C GLN A 70 -22.92 -16.54 20.79
N ALA A 71 -22.43 -15.46 21.39
CA ALA A 71 -21.29 -15.57 22.27
C ALA A 71 -21.56 -16.49 23.49
N LEU A 72 -22.67 -16.31 24.21
CA LEU A 72 -23.04 -17.22 25.37
C LEU A 72 -23.22 -18.74 24.95
N ALA A 73 -23.75 -19.00 23.78
CA ALA A 73 -23.84 -20.36 23.24
C ALA A 73 -22.48 -20.96 23.00
N GLU A 74 -21.50 -20.20 22.51
CA GLU A 74 -20.15 -20.77 22.33
C GLU A 74 -19.55 -21.05 23.69
N LEU A 75 -19.80 -20.15 24.65
CA LEU A 75 -19.27 -20.29 25.99
C LEU A 75 -19.85 -21.52 26.72
N ALA A 76 -21.10 -21.89 26.47
CA ALA A 76 -21.78 -22.86 27.30
C ALA A 76 -21.31 -24.30 27.09
N LYS A 77 -20.54 -24.51 26.01
CA LYS A 77 -20.11 -25.81 25.56
C LYS A 77 -18.99 -26.36 26.43
N PRO A 78 -19.16 -27.57 26.92
CA PRO A 78 -18.09 -28.29 27.63
C PRO A 78 -16.77 -28.25 26.89
N LYS A 79 -15.66 -28.27 27.62
CA LYS A 79 -14.35 -28.35 27.00
C LYS A 79 -14.26 -29.66 26.17
N ASP A 80 -14.99 -30.70 26.53
CA ASP A 80 -14.84 -31.90 25.73
C ASP A 80 -15.89 -32.07 24.61
N ASP A 81 -16.65 -31.02 24.26
CA ASP A 81 -17.49 -31.10 23.04
C ASP A 81 -16.48 -30.95 21.87
N PRO A 82 -16.59 -31.83 20.86
CA PRO A 82 -15.70 -31.69 19.67
C PRO A 82 -15.87 -30.38 18.92
N THR A 83 -17.07 -29.83 18.92
CA THR A 83 -17.33 -28.52 18.28
C THR A 83 -16.98 -27.25 19.12
N ARG A 84 -16.25 -27.41 20.23
CA ARG A 84 -15.93 -26.32 21.13
C ARG A 84 -14.86 -25.44 20.52
N LYS A 85 -15.14 -24.16 20.45
CA LYS A 85 -14.18 -23.20 19.96
C LYS A 85 -13.27 -22.70 21.07
N HIS A 86 -12.13 -22.17 20.72
CA HIS A 86 -11.34 -21.42 21.66
C HIS A 86 -12.00 -20.05 21.67
N VAL A 87 -12.46 -19.60 22.83
CA VAL A 87 -13.01 -18.26 22.93
C VAL A 87 -12.26 -17.47 24.00
N CSD A 88 -11.74 -16.17 23.20
CA CSD A 88 -10.81 -15.10 23.46
CB CSD A 88 -9.99 -14.67 22.25
SG CSD A 88 -9.19 -15.91 21.43
C CSD A 88 -11.64 -13.95 23.96
O CSD A 88 -12.75 -13.67 23.45
OD1 CSD A 88 -9.14 -15.69 20.02
OD2 CSD A 88 -7.85 -16.12 21.89
N VAL A 89 -11.52 -13.03 25.10
CA VAL A 89 -12.25 -11.79 25.20
C VAL A 89 -11.29 -10.64 25.42
N GLN A 90 -11.63 -9.47 24.88
CA GLN A 90 -10.87 -8.26 25.11
C GLN A 90 -11.74 -7.15 25.75
N VAL A 91 -11.17 -6.43 26.70
CA VAL A 91 -11.89 -5.48 27.51
C VAL A 91 -11.33 -4.09 27.42
N ALA A 92 -12.18 -3.13 27.05
CA ALA A 92 -11.78 -1.73 26.99
C ALA A 92 -11.69 -1.11 28.38
N PRO A 93 -10.79 -0.12 28.59
CA PRO A 93 -10.73 0.49 29.93
C PRO A 93 -11.98 1.16 30.42
N ALA A 94 -12.75 1.73 29.52
CA ALA A 94 -13.98 2.43 29.92
C ALA A 94 -15.02 1.46 30.46
N VAL A 95 -14.98 0.22 30.01
CA VAL A 95 -15.78 -0.86 30.59
C VAL A 95 -15.39 -1.16 32.05
N ARG A 96 -14.11 -1.42 32.26
CA ARG A 96 -13.55 -1.78 33.54
C ARG A 96 -13.91 -0.77 34.60
N VAL A 97 -13.92 0.52 34.26
CA VAL A 97 -14.22 1.55 35.24
C VAL A 97 -15.73 1.69 35.49
N ALA A 98 -16.57 1.43 34.49
CA ALA A 98 -18.02 1.62 34.68
C ALA A 98 -18.83 0.36 35.10
N ILE A 99 -18.25 -0.82 34.93
CA ILE A 99 -19.01 -2.05 35.19
C ILE A 99 -19.45 -2.16 36.63
N ALA A 100 -18.79 -1.52 37.58
CA ALA A 100 -19.27 -1.56 38.96
C ALA A 100 -20.62 -0.88 39.16
N GLU A 101 -20.93 0.07 38.28
CA GLU A 101 -22.24 0.78 38.39
C GLU A 101 -23.41 -0.13 38.07
N THR A 102 -23.18 -1.17 37.28
CA THR A 102 -24.17 -2.23 37.04
C THR A 102 -24.64 -2.98 38.28
N LEU A 103 -23.85 -2.93 39.36
CA LEU A 103 -24.20 -3.45 40.68
C LEU A 103 -24.59 -2.34 41.62
N GLY A 104 -24.75 -1.12 41.12
CA GLY A 104 -25.18 -0.03 41.99
C GLY A 104 -24.07 0.60 42.79
N LEU A 105 -22.81 0.40 42.39
CA LEU A 105 -21.66 0.94 43.13
C LEU A 105 -21.07 2.08 42.32
N ALA A 106 -20.10 2.79 42.91
CA ALA A 106 -19.41 3.85 42.22
C ALA A 106 -18.45 3.39 41.12
N PRO A 107 -18.14 4.26 40.15
CA PRO A 107 -17.17 3.83 39.16
C PRO A 107 -15.86 3.48 39.84
N GLY A 108 -15.19 2.44 39.32
CA GLY A 108 -13.97 1.95 39.89
C GLY A 108 -14.06 1.14 41.17
N ALA A 109 -15.26 0.80 41.63
CA ALA A 109 -15.34 0.07 42.91
C ALA A 109 -15.03 -1.46 42.79
N THR A 110 -14.90 -1.95 41.58
CA THR A 110 -14.38 -3.28 41.37
C THR A 110 -13.08 -3.18 40.60
N THR A 111 -12.13 -4.03 40.97
CA THR A 111 -10.77 -3.96 40.37
C THR A 111 -10.76 -4.56 39.00
N PRO A 112 -9.73 -4.25 38.23
CA PRO A 112 -9.56 -4.90 36.94
C PRO A 112 -9.41 -6.43 37.00
N LYS A 113 -8.79 -7.01 38.02
CA LYS A 113 -8.65 -8.44 38.07
C LYS A 113 -9.87 -9.15 38.64
N GLN A 114 -10.75 -8.41 39.35
CA GLN A 114 -12.02 -9.01 39.70
C GLN A 114 -12.82 -9.23 38.42
N LEU A 115 -12.69 -8.33 37.51
CA LEU A 115 -13.42 -8.40 36.25
C LEU A 115 -12.86 -9.54 35.38
N ALA A 116 -11.55 -9.71 35.36
CA ALA A 116 -10.92 -10.80 34.65
C ALA A 116 -11.35 -12.15 35.26
N GLU A 117 -11.44 -12.26 36.59
CA GLU A 117 -11.98 -13.45 37.21
C GLU A 117 -13.44 -13.71 36.78
N GLY A 118 -14.30 -12.68 36.70
CA GLY A 118 -15.70 -12.88 36.29
C GLY A 118 -15.82 -13.43 34.85
N LEU A 119 -15.06 -12.87 33.95
CA LEU A 119 -15.01 -13.29 32.57
C LEU A 119 -14.52 -14.69 32.45
N ARG A 120 -13.52 -15.05 33.25
CA ARG A 120 -13.00 -16.39 33.25
C ARG A 120 -14.11 -17.35 33.72
N ARG A 121 -14.94 -16.96 34.69
CA ARG A 121 -16.04 -17.79 35.11
C ARG A 121 -17.23 -17.91 34.14
N LEU A 122 -17.39 -17.01 33.17
CA LEU A 122 -18.32 -17.24 32.05
C LEU A 122 -17.81 -18.32 31.06
N GLY A 123 -16.51 -18.68 31.14
CA GLY A 123 -15.88 -19.70 30.30
C GLY A 123 -14.90 -19.21 29.22
N PHE A 124 -14.55 -17.91 29.22
CA PHE A 124 -13.57 -17.46 28.27
C PHE A 124 -12.29 -18.26 28.54
N ASP A 125 -11.58 -18.65 27.49
CA ASP A 125 -10.24 -19.25 27.60
C ASP A 125 -9.08 -18.22 27.66
N GLU A 126 -9.27 -17.02 27.13
CA GLU A 126 -8.31 -15.92 27.36
C GLU A 126 -9.05 -14.65 27.67
N VAL A 127 -8.42 -13.83 28.51
CA VAL A 127 -8.90 -12.59 28.82
C VAL A 127 -7.84 -11.52 28.62
N PHE A 128 -8.11 -10.61 27.69
CA PHE A 128 -7.10 -9.71 27.19
C PHE A 128 -7.50 -8.28 27.44
N ASP A 129 -6.51 -7.43 27.53
CA ASP A 129 -6.76 -5.99 27.79
C ASP A 129 -6.62 -5.27 26.49
N THR A 130 -7.67 -4.63 26.05
CA THR A 130 -7.57 -3.83 24.84
C THR A 130 -6.41 -2.78 24.83
N LEU A 131 -5.80 -2.43 25.98
CA LEU A 131 -4.66 -1.55 25.94
C LEU A 131 -3.48 -2.13 25.15
N PHE A 132 -3.41 -3.45 24.98
CA PHE A 132 -2.39 -4.04 24.13
C PHE A 132 -2.58 -3.60 22.68
N GLY A 133 -3.82 -3.63 22.21
CA GLY A 133 -4.21 -3.20 20.90
C GLY A 133 -3.89 -1.69 20.80
N ALA A 134 -4.17 -0.95 21.85
CA ALA A 134 -3.92 0.49 21.84
C ALA A 134 -2.46 0.74 21.66
N ASP A 135 -1.59 -0.11 22.25
CA ASP A 135 -0.16 0.03 22.05
C ASP A 135 0.26 -0.18 20.59
N LEU A 136 -0.39 -1.10 19.87
CA LEU A 136 -0.18 -1.26 18.42
C LEU A 136 -0.69 -0.04 17.65
N THR A 137 -1.84 0.47 18.03
CA THR A 137 -2.35 1.63 17.38
C THR A 137 -1.43 2.86 17.55
N ILE A 138 -0.82 2.99 18.72
CA ILE A 138 0.14 4.07 18.97
C ILE A 138 1.36 3.91 18.06
N MET A 139 1.86 2.67 17.91
CA MET A 139 3.04 2.47 17.11
C MET A 139 2.78 2.91 15.67
N GLU A 140 1.61 2.46 15.16
CA GLU A 140 1.32 2.70 13.79
C GLU A 140 1.03 4.19 13.51
N GLU A 141 0.20 4.81 14.33
CA GLU A 141 -0.30 6.11 14.10
C GLU A 141 0.76 7.13 14.38
N GLY A 142 1.57 6.87 15.38
CA GLY A 142 2.74 7.74 15.63
C GLY A 142 3.68 7.82 14.43
N SER A 143 4.10 6.64 13.92
CA SER A 143 4.93 6.60 12.69
C SER A 143 4.23 7.17 11.49
N GLU A 144 2.92 6.99 11.42
CA GLU A 144 2.13 7.55 10.31
C GLU A 144 2.10 9.09 10.32
N LEU A 145 1.85 9.70 11.49
CA LEU A 145 1.93 11.13 11.64
C LEU A 145 3.34 11.64 11.29
N LEU A 146 4.40 10.97 11.79
CA LEU A 146 5.77 11.44 11.53
C LEU A 146 6.13 11.33 10.04
N HIS A 147 5.64 10.27 9.40
CA HIS A 147 5.90 10.00 7.98
C HIS A 147 5.24 11.10 7.12
N ARG A 148 3.98 11.43 7.36
CA ARG A 148 3.33 12.52 6.64
C ARG A 148 4.01 13.88 6.89
N LEU A 149 4.42 14.12 8.11
CA LEU A 149 5.11 15.37 8.42
C LEU A 149 6.44 15.45 7.65
N THR A 150 7.17 14.35 7.63
CA THR A 150 8.46 14.31 6.95
C THR A 150 8.30 14.54 5.45
N GLU A 151 7.33 13.75 4.72
CA GLU A 151 6.95 14.06 3.34
C GLU A 151 6.50 15.52 3.24
N HIS A 152 5.84 16.18 4.04
CA HIS A 152 5.44 17.58 3.90
C HIS A 152 6.65 18.51 3.98
N LEU A 153 7.56 18.20 4.90
CA LEU A 153 8.76 19.03 5.11
C LEU A 153 9.76 18.93 3.95
N GLU A 154 9.85 17.75 3.33
CA GLU A 154 10.68 17.63 2.14
C GLU A 154 9.98 18.19 0.88
N ALA A 155 8.77 18.74 1.02
CA ALA A 155 7.96 19.26 -0.10
C ALA A 155 7.68 18.24 -1.21
N HIS A 156 7.54 16.96 -0.82
CA HIS A 156 7.16 15.84 -1.73
C HIS A 156 6.09 15.06 -1.03
N PRO A 157 5.00 15.75 -0.66
CA PRO A 157 3.89 15.01 -0.10
C PRO A 157 3.33 13.96 -1.09
N HIS A 158 3.00 12.74 -0.64
CA HIS A 158 2.14 11.84 -1.44
C HIS A 158 0.65 12.23 -1.37
N SER A 159 0.01 12.12 -2.54
CA SER A 159 -1.34 12.66 -2.75
C SER A 159 -2.40 11.88 -1.93
N ASP A 160 -2.12 10.62 -1.65
CA ASP A 160 -2.97 9.81 -0.83
C ASP A 160 -2.63 9.95 0.68
N GLU A 161 -1.66 10.79 1.05
CA GLU A 161 -1.29 11.00 2.45
C GLU A 161 -1.10 12.49 2.81
N PRO A 162 -2.16 13.29 2.67
CA PRO A 162 -2.04 14.74 2.94
C PRO A 162 -2.21 15.06 4.44
N LEU A 163 -1.81 16.26 4.79
CA LEU A 163 -2.06 16.81 6.09
C LEU A 163 -3.13 17.84 5.78
N PRO A 164 -4.03 18.07 6.72
CA PRO A 164 -3.92 17.54 8.07
C PRO A 164 -4.29 16.10 8.14
N MET A 165 -3.94 15.45 9.24
CA MET A 165 -4.36 14.09 9.50
C MET A 165 -5.45 13.98 10.55
N PHE A 166 -6.49 13.17 10.34
CA PHE A 166 -7.51 12.93 11.32
C PHE A 166 -7.33 11.52 11.85
N THR A 167 -7.67 11.29 13.12
CA THR A 167 -7.71 9.94 13.70
C THR A 167 -8.86 9.09 13.14
N SER A 168 -8.84 7.81 13.46
CA SER A 168 -9.81 6.89 12.93
C SER A 168 -10.39 5.89 13.90
N CSO A 169 -10.26 6.07 15.21
CA CSO A 169 -10.64 5.02 16.14
CA CSO A 169 -10.66 5.09 16.28
CB CSO A 169 -9.73 5.04 17.41
CB CSO A 169 -10.09 5.28 17.77
SG CSO A 169 -9.84 6.65 18.17
SG CSO A 169 -11.10 5.04 19.30
C CSO A 169 -12.14 5.06 16.43
O CSO A 169 -12.70 4.05 16.89
OD CSO A 169 -8.46 6.63 19.35
OD CSO A 169 -11.56 6.61 19.90
N CYS A 170 -12.82 6.18 16.18
CA CYS A 170 -14.26 6.25 16.45
C CYS A 170 -15.12 5.88 15.24
N PRO A 171 -16.01 4.83 15.36
CA PRO A 171 -16.77 4.42 14.18
C PRO A 171 -17.82 5.41 13.86
N GLY A 172 -18.16 6.26 14.82
CA GLY A 172 -19.21 7.24 14.61
C GLY A 172 -18.68 8.29 13.71
N TRP A 173 -17.42 8.64 13.87
CA TRP A 173 -16.80 9.61 12.96
C TRP A 173 -16.61 8.99 11.58
N ILE A 174 -16.20 7.72 11.53
CA ILE A 174 -16.00 7.03 10.26
C ILE A 174 -17.30 7.00 9.45
N ALA A 175 -18.43 6.71 10.07
CA ALA A 175 -19.67 6.60 9.30
C ALA A 175 -19.99 7.94 8.69
N MET A 176 -19.84 8.99 9.49
CA MET A 176 -20.09 10.36 9.02
C MET A 176 -19.09 10.74 7.95
N LEU A 177 -17.83 10.38 8.15
CA LEU A 177 -16.83 10.63 7.10
C LEU A 177 -17.25 10.07 5.74
N GLU A 178 -17.56 8.78 5.75
CA GLU A 178 -17.91 8.09 4.51
C GLU A 178 -19.23 8.57 3.89
N LYS A 179 -20.22 8.84 4.70
CA LYS A 179 -21.51 9.26 4.21
C LYS A 179 -21.52 10.74 3.72
N SER A 180 -21.01 11.63 4.54
CA SER A 180 -21.20 13.05 4.30
C SER A 180 -19.92 13.77 3.95
N TYR A 181 -18.74 13.15 4.20
CA TYR A 181 -17.44 13.79 3.90
C TYR A 181 -16.48 12.94 3.04
N PRO A 182 -16.96 12.39 1.95
CA PRO A 182 -16.06 11.50 1.21
C PRO A 182 -14.73 12.12 0.66
N ASP A 183 -14.72 13.43 0.40
CA ASP A 183 -13.55 14.17 -0.05
C ASP A 183 -12.47 14.26 1.02
N LEU A 184 -12.80 14.00 2.27
CA LEU A 184 -11.82 14.04 3.35
C LEU A 184 -11.20 12.69 3.60
N ILE A 185 -11.70 11.65 2.93
CA ILE A 185 -11.17 10.32 3.20
C ILE A 185 -9.64 10.27 3.19
N PRO A 186 -8.94 10.88 2.20
CA PRO A 186 -7.44 10.76 2.16
C PRO A 186 -6.69 11.35 3.37
N TYR A 187 -7.37 12.25 4.10
CA TYR A 187 -6.79 12.88 5.29
C TYR A 187 -6.86 12.02 6.52
N VAL A 188 -7.63 10.96 6.49
CA VAL A 188 -7.88 10.13 7.68
C VAL A 188 -6.83 9.04 7.77
N SER A 189 -6.30 8.84 8.95
CA SER A 189 -5.37 7.77 9.27
C SER A 189 -5.88 6.46 8.77
N SER A 190 -4.98 5.65 8.22
CA SER A 190 -5.31 4.32 7.74
C SER A 190 -5.26 3.24 8.88
N CYS A 191 -4.95 3.61 10.10
CA CYS A 191 -4.89 2.67 11.23
C CYS A 191 -6.26 2.16 11.57
N LYS A 192 -6.33 0.85 11.83
CA LYS A 192 -7.47 0.24 12.47
C LYS A 192 -7.53 0.73 13.94
N SER A 193 -8.69 0.56 14.57
CA SER A 193 -8.83 0.87 16.03
C SER A 193 -8.13 -0.14 16.91
N PRO A 194 -7.92 0.19 18.19
CA PRO A 194 -7.31 -0.77 19.12
C PRO A 194 -7.98 -2.14 19.15
N GLN A 195 -9.31 -2.20 19.16
CA GLN A 195 -9.96 -3.50 19.26
C GLN A 195 -9.68 -4.26 17.98
N MET A 196 -9.61 -3.58 16.84
CA MET A 196 -9.40 -4.36 15.58
C MET A 196 -7.96 -4.79 15.40
N MET A 197 -7.04 -3.98 15.88
CA MET A 197 -5.65 -4.41 15.78
C MET A 197 -5.43 -5.63 16.65
N LEU A 198 -5.96 -5.65 17.86
CA LEU A 198 -5.77 -6.77 18.74
C LEU A 198 -6.48 -8.00 18.17
N ALA A 199 -7.66 -7.85 17.61
CA ALA A 199 -8.32 -9.01 17.00
C ALA A 199 -7.55 -9.59 15.86
N ALA A 200 -7.09 -8.74 14.95
CA ALA A 200 -6.28 -9.18 13.79
C ALA A 200 -5.02 -9.97 14.23
N MET A 201 -4.41 -9.51 15.31
CA MET A 201 -3.20 -10.13 15.87
C MET A 201 -3.54 -11.49 16.55
N VAL A 202 -4.62 -11.64 17.31
CA VAL A 202 -4.76 -12.96 17.91
C VAL A 202 -5.16 -14.04 16.89
N LYS A 203 -5.95 -13.69 15.87
CA LYS A 203 -6.30 -14.62 14.80
C LYS A 203 -5.20 -14.92 13.77
N SER A 204 -4.07 -14.22 13.81
CA SER A 204 -2.96 -14.52 12.93
C SER A 204 -1.81 -14.96 13.78
N TYR A 205 -1.15 -14.03 14.48
CA TYR A 205 0.04 -14.41 15.25
C TYR A 205 -0.23 -15.50 16.29
N LEU A 206 -1.22 -15.28 17.15
CA LEU A 206 -1.41 -16.14 18.32
C LEU A 206 -1.97 -17.47 17.92
N ALA A 207 -2.99 -17.47 17.06
CA ALA A 207 -3.44 -18.73 16.41
C ALA A 207 -2.28 -19.62 15.90
N GLU A 208 -1.35 -19.00 15.22
CA GLU A 208 -0.25 -19.74 14.61
C GLU A 208 0.69 -20.20 15.71
N LYS A 209 0.91 -19.34 16.71
CA LYS A 209 1.76 -19.71 17.82
C LYS A 209 1.22 -20.92 18.57
N LYS A 210 -0.10 -21.04 18.72
CA LYS A 210 -0.69 -22.09 19.51
C LYS A 210 -1.13 -23.29 18.69
N GLY A 211 -0.85 -23.31 17.39
CA GLY A 211 -1.31 -24.41 16.53
C GLY A 211 -2.84 -24.49 16.52
N ILE A 212 -3.52 -23.34 16.62
CA ILE A 212 -4.98 -23.37 16.56
C ILE A 212 -5.44 -22.75 15.21
N ALA A 213 -6.27 -23.46 14.42
CA ALA A 213 -6.74 -22.86 13.18
C ALA A 213 -7.66 -21.66 13.53
N PRO A 214 -7.49 -20.53 12.83
CA PRO A 214 -8.31 -19.35 13.08
C PRO A 214 -9.81 -19.62 13.06
N LYS A 215 -10.26 -20.61 12.30
CA LYS A 215 -11.70 -20.92 12.25
C LYS A 215 -12.20 -21.48 13.55
N ASP A 216 -11.31 -22.03 14.37
CA ASP A 216 -11.65 -22.56 15.71
C ASP A 216 -11.48 -21.58 16.88
N MET A 217 -11.40 -20.28 16.56
CA MET A 217 -11.31 -19.20 17.52
C MET A 217 -12.48 -18.24 17.39
N VAL A 218 -12.99 -17.79 18.55
CA VAL A 218 -14.01 -16.77 18.59
C VAL A 218 -13.49 -15.62 19.44
N MET A 219 -13.70 -14.41 18.97
CA MET A 219 -13.22 -13.24 19.68
C MET A 219 -14.39 -12.31 19.99
N VAL A 220 -14.54 -12.00 21.28
CA VAL A 220 -15.54 -11.09 21.80
C VAL A 220 -14.85 -9.84 22.29
N SER A 221 -15.46 -8.67 22.11
CA SER A 221 -14.92 -7.45 22.73
C SER A 221 -15.94 -6.78 23.67
N ILE A 222 -15.54 -6.42 24.88
CA ILE A 222 -16.46 -5.72 25.73
C ILE A 222 -16.14 -4.23 25.56
N MET A 223 -17.14 -3.48 25.11
CA MET A 223 -16.94 -2.08 24.73
C MET A 223 -17.96 -1.19 25.32
N PRO A 224 -17.65 0.10 25.47
CA PRO A 224 -18.59 1.05 26.07
C PRO A 224 -19.54 1.63 25.05
N CYS A 225 -19.57 1.03 23.88
CA CYS A 225 -20.02 1.70 22.71
C CYS A 225 -20.95 0.81 21.89
N THR A 226 -22.02 1.40 21.40
CA THR A 226 -23.01 0.72 20.60
C THR A 226 -22.63 0.61 19.10
N ARG A 227 -21.59 1.32 18.69
CA ARG A 227 -21.15 1.32 17.29
C ARG A 227 -19.97 0.41 16.93
N LYS A 228 -19.38 -0.22 17.91
CA LYS A 228 -18.17 -0.97 17.74
C LYS A 228 -18.48 -2.27 17.06
N GLN A 229 -19.70 -2.79 17.15
CA GLN A 229 -20.07 -3.95 16.35
C GLN A 229 -20.08 -3.63 14.85
N SER A 230 -20.60 -2.46 14.50
CA SER A 230 -20.55 -2.03 13.09
C SER A 230 -19.09 -1.83 12.56
N GLU A 231 -18.18 -1.42 13.43
CA GLU A 231 -16.77 -1.39 13.06
C GLU A 231 -16.28 -2.79 12.77
N ALA A 232 -16.56 -3.71 13.68
CA ALA A 232 -16.10 -5.12 13.52
C ALA A 232 -16.68 -5.80 12.32
N ASP A 233 -17.87 -5.37 11.92
CA ASP A 233 -18.53 -5.97 10.72
C ASP A 233 -18.14 -5.43 9.31
N ARG A 234 -17.25 -4.45 9.25
CA ARG A 234 -16.75 -4.03 7.95
C ARG A 234 -16.17 -5.26 7.22
N ASP A 235 -16.46 -5.38 5.95
CA ASP A 235 -16.29 -6.63 5.21
C ASP A 235 -14.90 -7.24 5.17
N TRP A 236 -13.86 -6.42 5.06
CA TRP A 236 -12.51 -6.91 4.80
C TRP A 236 -11.77 -7.43 6.04
N PHE A 237 -12.52 -7.33 7.24
CA PHE A 237 -12.09 -7.96 8.47
C PHE A 237 -12.74 -9.34 8.51
N CSO A 238 -11.93 -9.62 7.42
CA CSO A 238 -12.01 -11.05 7.19
CB CSO A 238 -12.83 -11.31 5.93
SG CSO A 238 -12.11 -10.49 4.56
C CSO A 238 -10.64 -11.65 7.18
O CSO A 238 -9.67 -10.88 7.32
OD CSO A 238 -10.75 -11.51 4.18
N VAL A 239 -10.56 -12.85 7.74
CA VAL A 239 -9.35 -13.66 7.83
C VAL A 239 -9.12 -14.50 6.57
N ASP A 240 -8.00 -14.24 5.91
CA ASP A 240 -7.55 -15.01 4.74
C ASP A 240 -8.57 -15.15 3.62
N ALA A 241 -9.18 -14.03 3.27
CA ALA A 241 -9.94 -13.92 2.02
C ALA A 241 -11.39 -14.40 2.05
N ASP A 242 -11.88 -14.87 3.19
CA ASP A 242 -13.31 -15.16 3.27
C ASP A 242 -14.00 -14.40 4.40
N PRO A 243 -15.10 -13.77 4.03
CA PRO A 243 -15.78 -12.75 4.83
C PRO A 243 -16.43 -13.41 6.01
N THR A 244 -16.32 -14.72 5.99
CA THR A 244 -17.04 -15.64 6.85
C THR A 244 -16.29 -15.85 8.17
N LEU A 245 -14.97 -15.89 8.07
CA LEU A 245 -14.09 -15.77 9.23
C LEU A 245 -13.79 -14.31 9.52
N ARG A 246 -14.38 -13.79 10.59
CA ARG A 246 -14.19 -12.40 10.98
C ARG A 246 -13.14 -12.27 12.08
N GLN A 247 -12.31 -11.24 11.98
CA GLN A 247 -11.27 -11.00 12.96
C GLN A 247 -11.88 -10.80 14.36
N LEU A 248 -13.03 -10.15 14.39
CA LEU A 248 -13.73 -9.86 15.64
C LEU A 248 -15.19 -10.19 15.45
N ASP A 249 -15.62 -11.22 16.17
CA ASP A 249 -16.95 -11.82 16.01
C ASP A 249 -18.07 -11.07 16.68
N HIS A 250 -17.90 -10.75 17.98
CA HIS A 250 -18.98 -10.22 18.80
C HIS A 250 -18.54 -9.12 19.70
N VAL A 251 -19.35 -8.09 19.75
CA VAL A 251 -19.16 -6.97 20.64
C VAL A 251 -20.33 -7.00 21.60
N ILE A 252 -19.98 -6.86 22.88
CA ILE A 252 -20.87 -6.81 23.97
C ILE A 252 -20.61 -5.49 24.70
N THR A 253 -21.69 -4.79 25.06
CA THR A 253 -21.51 -3.57 25.81
C THR A 253 -21.34 -3.85 27.31
N THR A 254 -20.94 -2.77 28.01
CA THR A 254 -20.81 -2.73 29.44
C THR A 254 -22.04 -3.15 30.15
N VAL A 255 -23.21 -2.68 29.72
CA VAL A 255 -24.42 -2.96 30.44
C VAL A 255 -24.90 -4.39 30.13
N GLU A 256 -24.64 -4.88 28.93
CA GLU A 256 -24.97 -6.27 28.56
C GLU A 256 -24.15 -7.24 29.37
N LEU A 257 -22.86 -6.95 29.52
CA LEU A 257 -22.00 -7.76 30.33
C LEU A 257 -22.47 -7.69 31.81
N GLY A 258 -22.84 -6.50 32.31
CA GLY A 258 -23.23 -6.38 33.70
C GLY A 258 -24.46 -7.23 33.95
N ASN A 259 -25.36 -7.26 32.94
CA ASN A 259 -26.59 -8.03 32.95
C ASN A 259 -26.40 -9.52 32.88
N ILE A 260 -25.46 -9.97 32.06
CA ILE A 260 -25.04 -11.36 32.09
C ILE A 260 -24.51 -11.77 33.49
N PHE A 261 -23.66 -10.98 34.10
CA PHE A 261 -23.22 -11.33 35.47
C PHE A 261 -24.37 -11.43 36.43
N LYS A 262 -25.27 -10.46 36.40
CA LYS A 262 -26.39 -10.45 37.39
C LYS A 262 -27.34 -11.66 37.22
N GLU A 263 -27.55 -12.10 35.99
CA GLU A 263 -28.49 -13.20 35.69
C GLU A 263 -27.92 -14.53 36.24
N ARG A 264 -26.60 -14.66 36.28
CA ARG A 264 -25.90 -15.83 36.78
C ARG A 264 -25.47 -15.69 38.23
N GLY A 265 -25.87 -14.65 38.93
CA GLY A 265 -25.58 -14.54 40.37
C GLY A 265 -24.08 -14.29 40.62
N ILE A 266 -23.38 -13.67 39.69
CA ILE A 266 -21.98 -13.34 39.82
C ILE A 266 -21.88 -11.87 40.24
N ASN A 267 -21.35 -11.63 41.40
CA ASN A 267 -21.16 -10.30 41.99
C ASN A 267 -19.70 -10.01 41.95
N LEU A 268 -19.33 -9.15 41.04
CA LEU A 268 -17.92 -8.86 40.79
C LEU A 268 -17.19 -8.35 42.01
N ALA A 269 -17.92 -7.58 42.82
CA ALA A 269 -17.33 -6.90 43.96
C ALA A 269 -16.91 -7.91 45.01
N GLU A 270 -17.37 -9.14 44.88
CA GLU A 270 -16.95 -10.13 45.85
C GLU A 270 -16.07 -11.25 45.27
N LEU A 271 -15.65 -11.18 44.02
CA LEU A 271 -14.83 -12.25 43.49
C LEU A 271 -13.42 -12.06 43.97
N PRO A 272 -12.63 -13.14 43.95
CA PRO A 272 -11.18 -12.96 44.15
C PRO A 272 -10.55 -12.33 42.95
N GLU A 273 -9.30 -11.90 43.11
CA GLU A 273 -8.52 -11.31 42.04
C GLU A 273 -8.13 -12.45 41.06
N GLY A 274 -8.35 -12.24 39.77
CA GLY A 274 -7.98 -13.22 38.75
C GLY A 274 -6.76 -12.68 38.05
N GLU A 275 -6.55 -13.15 36.82
CA GLU A 275 -5.42 -12.71 36.01
C GLU A 275 -5.77 -12.52 34.53
N TRP A 276 -5.07 -11.59 33.91
CA TRP A 276 -5.08 -11.35 32.44
C TRP A 276 -4.14 -12.26 31.71
N ASP A 277 -4.43 -12.50 30.44
CA ASP A 277 -3.51 -13.20 29.54
C ASP A 277 -2.82 -12.25 28.62
N ASN A 278 -1.66 -12.67 28.15
CA ASN A 278 -0.83 -11.85 27.26
C ASN A 278 -1.14 -12.28 25.85
N PRO A 279 -1.53 -11.37 24.99
CA PRO A 279 -1.81 -11.72 23.61
C PRO A 279 -0.68 -12.42 22.86
N MET A 280 0.58 -12.20 23.30
CA MET A 280 1.73 -12.95 22.78
C MET A 280 1.75 -14.41 23.11
N GLY A 281 0.98 -14.83 24.10
CA GLY A 281 0.85 -16.27 24.50
C GLY A 281 1.94 -16.88 25.38
N VAL A 282 2.88 -16.04 25.85
CA VAL A 282 3.91 -16.41 26.84
C VAL A 282 4.14 -15.22 27.74
N GLY A 283 4.68 -15.50 28.92
CA GLY A 283 4.86 -14.46 29.95
C GLY A 283 3.54 -14.13 30.63
N SER A 284 3.63 -13.66 31.88
CA SER A 284 2.46 -13.41 32.70
C SER A 284 1.89 -12.01 32.45
N GLY A 285 0.66 -11.80 32.88
CA GLY A 285 0.05 -10.47 32.91
C GLY A 285 -0.46 -10.07 31.54
N ALA A 286 -0.86 -8.82 31.41
CA ALA A 286 -1.58 -8.35 30.26
C ALA A 286 -0.74 -8.02 29.03
N GLY A 287 0.56 -8.16 29.14
CA GLY A 287 1.44 -7.79 28.05
C GLY A 287 1.50 -6.27 27.78
N VAL A 288 1.09 -5.43 28.73
CA VAL A 288 1.24 -3.95 28.70
C VAL A 288 2.07 -3.51 29.96
N LEU A 289 2.97 -2.54 29.85
CA LEU A 289 3.78 -2.18 31.04
C LEU A 289 2.95 -1.32 32.01
N PHE A 290 3.40 -1.18 33.27
CA PHE A 290 2.82 -0.22 34.24
C PHE A 290 2.88 1.23 33.70
N GLY A 291 1.81 2.01 33.88
CA GLY A 291 1.79 3.45 33.69
C GLY A 291 0.71 3.82 32.71
N THR A 292 0.76 5.07 32.25
CA THR A 292 -0.25 5.66 31.33
C THR A 292 0.38 6.40 30.15
N THR A 293 -0.33 6.40 29.05
CA THR A 293 0.13 7.02 27.82
C THR A 293 -0.56 8.36 27.56
N GLY A 294 -1.66 8.63 28.28
CA GLY A 294 -2.59 9.72 27.96
C GLY A 294 -3.54 9.42 26.83
N GLY A 295 -3.56 8.17 26.35
CA GLY A 295 -4.47 7.84 25.23
C GLY A 295 -3.72 7.84 23.87
N VAL A 296 -4.34 7.16 22.90
CA VAL A 296 -3.74 6.96 21.59
C VAL A 296 -3.24 8.27 20.91
N MET A 297 -4.06 9.30 20.88
CA MET A 297 -3.75 10.54 20.18
C MET A 297 -2.51 11.14 20.78
N GLU A 298 -2.52 11.33 22.10
CA GLU A 298 -1.38 11.87 22.76
C GLU A 298 -0.15 11.03 22.62
N ALA A 299 -0.27 9.71 22.72
CA ALA A 299 0.94 8.84 22.64
C ALA A 299 1.49 8.84 21.24
N ALA A 300 0.61 8.97 20.25
CA ALA A 300 1.05 9.11 18.82
C ALA A 300 1.88 10.37 18.56
N LEU A 301 1.39 11.47 19.10
CA LEU A 301 2.11 12.75 19.06
C LEU A 301 3.42 12.62 19.78
N ARG A 302 3.41 11.94 20.94
CA ARG A 302 4.65 11.84 21.73
C ARG A 302 5.69 11.05 20.91
N THR A 303 5.22 9.97 20.29
CA THR A 303 6.08 9.21 19.38
C THR A 303 6.77 10.08 18.35
N ALA A 304 5.98 10.83 17.62
CA ALA A 304 6.54 11.70 16.60
C ALA A 304 7.41 12.84 17.16
N TYR A 305 6.95 13.43 18.25
CA TYR A 305 7.67 14.51 18.88
C TYR A 305 9.04 14.09 19.38
N GLU A 306 9.09 12.93 19.99
CA GLU A 306 10.33 12.53 20.61
C GLU A 306 11.37 12.08 19.58
N LEU A 307 10.95 11.48 18.49
CA LEU A 307 11.91 11.22 17.37
C LEU A 307 12.37 12.49 16.68
N PHE A 308 11.45 13.42 16.53
CA PHE A 308 11.79 14.72 15.83
C PHE A 308 12.71 15.56 16.65
N THR A 309 12.49 15.67 17.96
CA THR A 309 13.25 16.68 18.80
C THR A 309 14.34 16.05 19.68
N GLY A 310 14.15 14.77 20.01
CA GLY A 310 15.11 14.10 20.92
C GLY A 310 14.85 14.43 22.39
N THR A 311 13.65 14.87 22.70
CA THR A 311 13.36 15.39 24.01
C THR A 311 11.99 14.89 24.43
N PRO A 312 11.74 14.75 25.72
CA PRO A 312 10.44 14.18 26.10
C PRO A 312 9.25 15.15 25.97
N LEU A 313 8.14 14.59 25.52
CA LEU A 313 6.87 15.27 25.50
C LEU A 313 6.10 15.01 26.80
N PRO A 314 5.89 16.03 27.60
CA PRO A 314 5.14 15.82 28.84
C PRO A 314 3.68 15.50 28.56
N ARG A 315 2.93 15.18 29.62
CA ARG A 315 1.47 15.12 29.54
C ARG A 315 0.92 16.45 29.02
N LEU A 316 0.02 16.32 28.08
CA LEU A 316 -0.65 17.43 27.43
C LEU A 316 -1.82 17.91 28.27
N SER A 317 -2.01 19.22 28.24
CA SER A 317 -3.17 19.94 28.78
C SER A 317 -3.78 20.71 27.60
N LEU A 318 -4.91 20.20 27.15
CA LEU A 318 -5.65 20.82 26.09
C LEU A 318 -6.49 21.96 26.65
N SER A 319 -6.54 23.09 25.94
CA SER A 319 -7.41 24.23 26.29
C SER A 319 -8.63 24.39 25.33
N GLU A 320 -9.74 24.87 25.87
CA GLU A 320 -10.96 25.15 25.06
C GLU A 320 -10.75 26.24 24.02
N VAL A 321 -11.25 25.99 22.82
CA VAL A 321 -11.19 27.00 21.78
C VAL A 321 -12.41 27.91 21.91
N ARG A 322 -12.18 29.19 21.77
CA ARG A 322 -13.26 30.11 21.99
C ARG A 322 -14.01 30.32 20.71
N GLY A 323 -15.34 30.33 20.84
CA GLY A 323 -16.23 30.49 19.69
C GLY A 323 -16.64 29.16 19.09
N MET A 324 -16.13 28.04 19.62
CA MET A 324 -16.51 26.71 19.13
C MET A 324 -16.78 25.81 20.30
N ASP A 325 -17.87 25.06 20.18
CA ASP A 325 -18.37 24.20 21.23
C ASP A 325 -17.65 22.90 20.99
N GLY A 326 -17.19 22.26 22.07
CA GLY A 326 -16.75 20.86 22.05
C GLY A 326 -15.39 20.63 21.42
N ILE A 327 -14.62 21.70 21.24
CA ILE A 327 -13.35 21.66 20.59
C ILE A 327 -12.23 22.12 21.53
N LYS A 328 -11.20 21.33 21.69
CA LYS A 328 -10.08 21.73 22.50
C LYS A 328 -8.84 21.64 21.62
N GLU A 329 -7.79 22.36 21.97
CA GLU A 329 -6.60 22.41 21.18
C GLU A 329 -5.29 22.52 21.98
N THR A 330 -4.19 22.26 21.28
CA THR A 330 -2.90 22.69 21.79
C THR A 330 -1.92 22.90 20.63
N ASN A 331 -0.90 23.67 20.89
CA ASN A 331 0.17 24.02 19.94
C ASN A 331 1.52 23.53 20.43
N ILE A 332 2.20 22.65 19.74
CA ILE A 332 3.35 22.00 20.34
C ILE A 332 4.56 22.40 19.57
N THR A 333 5.46 23.16 20.14
CA THR A 333 6.57 23.64 19.36
C THR A 333 7.69 22.56 19.30
N MET A 334 8.31 22.45 18.12
CA MET A 334 9.24 21.40 17.83
C MET A 334 10.52 21.88 17.12
N VAL A 335 11.65 21.80 17.82
CA VAL A 335 12.99 22.05 17.28
C VAL A 335 13.59 20.73 16.96
N PRO A 336 14.11 20.54 15.77
CA PRO A 336 14.57 19.22 15.49
C PRO A 336 15.88 18.92 16.22
N ALA A 337 16.12 17.64 16.50
CA ALA A 337 17.35 17.24 17.22
C ALA A 337 18.58 17.69 16.47
N PRO A 338 19.60 18.16 17.17
CA PRO A 338 20.83 18.50 16.42
C PRO A 338 21.45 17.29 15.67
N GLY A 339 22.01 17.52 14.49
CA GLY A 339 22.53 16.43 13.64
C GLY A 339 21.50 15.60 12.89
N SER A 340 20.21 15.73 13.19
CA SER A 340 19.20 14.89 12.59
C SER A 340 18.83 15.27 11.13
N LYS A 341 18.19 14.32 10.44
CA LYS A 341 17.60 14.61 9.12
C LYS A 341 16.60 15.75 9.25
N PHE A 342 15.82 15.79 10.34
CA PHE A 342 14.74 16.73 10.42
C PHE A 342 15.29 18.10 10.49
N GLU A 343 16.49 18.25 11.04
CA GLU A 343 17.17 19.54 11.03
C GLU A 343 17.58 20.00 9.62
N GLU A 344 18.13 19.07 8.81
CA GLU A 344 18.42 19.29 7.35
C GLU A 344 17.20 19.83 6.59
N LEU A 345 16.10 19.06 6.56
CA LEU A 345 14.88 19.40 5.82
C LEU A 345 14.38 20.77 6.17
N LEU A 346 14.44 21.13 7.45
CA LEU A 346 14.08 22.49 7.89
C LEU A 346 15.06 23.58 7.40
N LYS A 347 16.36 23.25 7.26
CA LYS A 347 17.34 24.21 6.66
C LYS A 347 17.16 24.38 5.14
N HIS A 348 17.22 23.28 4.38
CA HIS A 348 17.03 23.31 2.90
C HIS A 348 15.52 23.24 2.56
N ALA A 350 12.68 26.69 1.09
CA ALA A 350 11.73 27.80 1.12
C ALA A 350 10.40 27.33 0.55
N ALA A 351 10.39 26.72 -0.63
CA ALA A 351 9.13 26.31 -1.22
C ALA A 351 8.67 25.00 -0.59
N ALA A 352 8.17 25.07 0.65
CA ALA A 352 7.41 23.98 1.32
C ALA A 352 5.97 24.42 1.23
N HIS A 359 2.64 26.40 -2.27
CA HIS A 359 1.89 27.63 -2.57
C HIS A 359 0.54 27.45 -3.35
N GLY A 360 0.53 26.55 -4.34
CA GLY A 360 -0.73 26.25 -5.00
C GLY A 360 -1.04 24.78 -5.04
N THR A 361 -2.08 24.36 -4.34
CA THR A 361 -2.45 22.94 -4.37
C THR A 361 -3.91 22.60 -4.05
N PRO A 362 -4.29 21.42 -4.51
CA PRO A 362 -5.69 20.94 -4.50
C PRO A 362 -6.17 20.38 -3.18
N GLY A 363 -7.47 20.09 -3.16
CA GLY A 363 -8.12 19.42 -2.05
C GLY A 363 -8.91 20.36 -1.19
N PRO A 364 -9.91 19.81 -0.52
CA PRO A 364 -10.81 20.56 0.34
C PRO A 364 -10.07 21.17 1.51
N LEU A 365 -9.14 20.43 2.09
CA LEU A 365 -8.33 21.01 3.13
C LEU A 365 -6.94 21.22 2.57
N ALA A 366 -6.59 22.46 2.32
CA ALA A 366 -5.29 22.71 1.73
C ALA A 366 -4.36 23.02 2.87
N TRP A 367 -3.25 22.30 2.93
CA TRP A 367 -2.29 22.52 3.99
C TRP A 367 -1.53 23.83 3.66
N ASP A 368 -1.41 24.72 4.65
CA ASP A 368 -0.81 26.03 4.51
C ASP A 368 0.70 25.97 4.59
N GLY A 369 1.25 24.77 4.69
CA GLY A 369 2.69 24.65 4.66
C GLY A 369 3.34 24.63 6.02
N GLY A 370 2.53 24.71 7.07
CA GLY A 370 3.02 24.47 8.43
C GLY A 370 3.22 25.76 9.18
N ALA A 371 3.13 25.69 10.50
CA ALA A 371 3.43 26.85 11.30
C ALA A 371 4.96 26.87 11.69
N GLY A 372 5.80 27.36 10.79
CA GLY A 372 7.21 27.50 11.06
C GLY A 372 7.58 28.64 11.99
N PHE A 373 8.72 28.53 12.65
CA PHE A 373 9.34 29.65 13.36
C PHE A 373 10.85 29.63 13.21
N THR A 374 11.49 30.78 13.40
CA THR A 374 12.93 30.94 13.18
C THR A 374 13.66 31.66 14.31
N SER A 375 14.98 31.54 14.30
CA SER A 375 15.86 32.26 15.22
C SER A 375 17.01 32.94 14.45
N GLU A 376 17.50 34.07 14.97
CA GLU A 376 18.64 34.84 14.33
C GLU A 376 19.84 33.97 13.78
N ASP A 377 20.09 32.88 14.49
CA ASP A 377 21.23 31.96 14.24
C ASP A 377 20.89 30.73 13.38
N GLY A 378 19.59 30.48 13.17
CA GLY A 378 19.12 29.45 12.26
C GLY A 378 18.27 28.38 12.91
N ARG A 379 18.03 28.46 14.22
CA ARG A 379 17.28 27.43 14.94
C ARG A 379 16.01 27.56 14.12
N GLY A 380 15.54 26.52 13.55
CA GLY A 380 14.32 26.53 12.81
C GLY A 380 13.54 25.63 13.74
N GLY A 381 12.23 25.83 13.73
CA GLY A 381 11.27 24.88 14.27
C GLY A 381 9.94 24.92 13.52
N ILE A 382 9.08 23.99 13.85
CA ILE A 382 7.71 23.99 13.40
C ILE A 382 6.77 23.84 14.65
N THR A 383 5.54 24.34 14.57
CA THR A 383 4.62 24.10 15.63
C THR A 383 3.48 23.32 15.13
N LEU A 384 3.26 22.22 15.82
CA LEU A 384 2.25 21.27 15.47
C LEU A 384 0.96 21.71 16.18
N ARG A 385 -0.06 21.94 15.36
CA ARG A 385 -1.34 22.49 15.78
C ARG A 385 -2.37 21.34 15.93
N VAL A 386 -2.75 21.01 17.16
CA VAL A 386 -3.55 19.86 17.45
C VAL A 386 -4.95 20.27 17.92
N ALA A 387 -5.98 19.56 17.48
CA ALA A 387 -7.35 19.84 17.91
C ALA A 387 -8.02 18.56 18.29
N VAL A 388 -8.92 18.65 19.26
CA VAL A 388 -9.76 17.54 19.64
C VAL A 388 -11.20 18.02 19.60
N ALA A 389 -12.07 17.24 18.94
CA ALA A 389 -13.49 17.49 18.80
C ALA A 389 -14.37 16.38 19.38
N ASN A 390 -15.37 16.81 20.15
CA ASN A 390 -16.47 16.02 20.70
C ASN A 390 -17.80 16.78 20.56
N GLY A 391 -18.85 16.25 19.93
CA GLY A 391 -18.84 15.00 19.18
C GLY A 391 -18.99 15.17 17.68
N LEU A 392 -20.19 14.93 17.15
CA LEU A 392 -20.39 14.97 15.70
C LEU A 392 -20.90 16.31 15.15
N GLY A 393 -21.87 16.92 15.83
CA GLY A 393 -22.34 18.24 15.44
C GLY A 393 -21.25 19.28 15.60
N ASN A 394 -20.43 19.15 16.64
CA ASN A 394 -19.36 20.12 16.84
C ASN A 394 -18.21 19.89 15.86
N ALA A 395 -17.94 18.63 15.55
CA ALA A 395 -17.01 18.29 14.49
C ALA A 395 -17.35 18.79 13.14
N LYS A 396 -18.63 18.75 12.75
CA LYS A 396 -19.05 19.38 11.49
C LYS A 396 -18.68 20.88 11.44
N LYS A 397 -18.85 21.57 12.57
CA LYS A 397 -18.49 23.01 12.59
C LYS A 397 -17.00 23.26 12.50
N LEU A 398 -16.19 22.35 13.01
CA LEU A 398 -14.74 22.50 12.91
C LEU A 398 -14.32 22.34 11.48
N ILE A 399 -14.87 21.29 10.85
CA ILE A 399 -14.58 21.01 9.45
C ILE A 399 -14.93 22.18 8.57
N THR A 400 -16.11 22.75 8.69
CA THR A 400 -16.50 23.93 7.91
C THR A 400 -15.45 25.06 8.04
N LYS A 401 -15.01 25.30 9.26
CA LYS A 401 -14.01 26.34 9.53
C LYS A 401 -12.59 25.97 9.04
N MET A 402 -12.21 24.70 9.14
CA MET A 402 -10.93 24.24 8.53
C MET A 402 -10.96 24.45 7.01
N GLN A 403 -12.08 24.12 6.38
CA GLN A 403 -12.34 24.33 4.95
C GLN A 403 -12.36 25.74 4.47
N ALA A 404 -12.78 26.71 5.29
CA ALA A 404 -12.68 28.12 4.88
C ALA A 404 -11.34 28.79 5.27
N GLY A 405 -10.43 28.03 5.87
CA GLY A 405 -9.15 28.57 6.30
C GLY A 405 -9.11 29.32 7.63
N GLU A 406 -10.22 29.32 8.40
CA GLU A 406 -10.33 29.95 9.76
C GLU A 406 -9.80 29.15 10.98
N ALA A 407 -9.70 27.84 10.86
CA ALA A 407 -9.10 27.01 11.93
C ALA A 407 -7.97 26.22 11.26
N LYS A 408 -6.75 26.37 11.75
CA LYS A 408 -5.63 25.70 11.11
C LYS A 408 -5.09 24.63 12.05
N TYR A 409 -5.16 23.38 11.64
CA TYR A 409 -4.80 22.23 12.49
C TYR A 409 -4.04 21.23 11.60
N ASP A 410 -3.01 20.64 12.15
CA ASP A 410 -2.28 19.59 11.48
C ASP A 410 -2.73 18.20 11.86
N PHE A 411 -3.30 18.04 13.07
CA PHE A 411 -3.65 16.70 13.57
C PHE A 411 -4.93 16.86 14.34
N VAL A 412 -5.96 16.11 13.95
CA VAL A 412 -7.27 16.30 14.53
C VAL A 412 -7.87 14.97 14.98
N GLU A 413 -8.38 14.96 16.20
CA GLU A 413 -9.13 13.80 16.72
C GLU A 413 -10.64 14.12 16.82
N ILE A 414 -11.47 13.34 16.16
CA ILE A 414 -12.93 13.47 16.28
C ILE A 414 -13.53 12.27 17.03
N MET A 415 -14.20 12.50 18.17
CA MET A 415 -15.01 11.44 18.83
CA MET A 415 -15.00 11.49 18.92
C MET A 415 -16.51 11.81 18.77
N ALA A 416 -17.37 10.83 18.49
CA ALA A 416 -18.84 11.11 18.37
C ALA A 416 -19.60 11.43 19.69
N CYS A 417 -19.12 10.92 20.82
CA CYS A 417 -19.69 11.12 22.14
C CYS A 417 -19.13 12.40 22.75
N PRO A 418 -20.04 13.27 23.29
CA PRO A 418 -19.63 14.51 24.00
C PRO A 418 -18.56 14.33 25.08
N ALA A 419 -18.58 13.19 25.83
CA ALA A 419 -17.53 12.92 26.86
C ALA A 419 -16.47 11.82 26.52
N GLY A 420 -16.46 11.38 25.27
CA GLY A 420 -15.62 10.28 24.85
C GLY A 420 -16.18 8.94 25.35
N CYS A 421 -15.39 7.92 25.21
CA CYS A 421 -15.78 6.59 25.44
C CYS A 421 -16.31 6.36 26.85
N VAL A 422 -15.83 7.03 27.87
CA VAL A 422 -16.42 6.88 29.18
C VAL A 422 -17.86 7.22 29.22
N GLY A 423 -18.33 8.04 28.28
CA GLY A 423 -19.74 8.37 28.11
C GLY A 423 -20.46 7.73 26.94
N GLY A 424 -19.92 6.63 26.43
CA GLY A 424 -20.52 5.84 25.38
C GLY A 424 -21.94 5.39 25.63
N GLY A 425 -22.60 5.07 24.54
CA GLY A 425 -23.99 4.79 24.65
C GLY A 425 -24.23 3.40 25.23
N GLY A 426 -23.18 2.62 25.35
CA GLY A 426 -23.23 1.28 25.96
C GLY A 426 -22.97 1.28 27.48
N GLN A 427 -22.69 2.48 28.03
CA GLN A 427 -22.47 2.64 29.46
C GLN A 427 -23.76 2.69 30.28
N PRO A 428 -23.63 2.35 31.58
CA PRO A 428 -24.75 2.50 32.48
C PRO A 428 -25.24 3.95 32.52
N ARG A 429 -26.51 4.09 32.87
CA ARG A 429 -27.15 5.38 33.07
C ARG A 429 -27.11 5.74 34.55
N SER A 430 -26.89 7.02 34.82
CA SER A 430 -26.77 7.55 36.15
C SER A 430 -27.47 8.90 36.26
N THR A 431 -28.01 9.24 37.43
CA THR A 431 -28.56 10.57 37.65
C THR A 431 -27.49 11.63 38.02
N ASP A 432 -26.27 11.18 38.21
CA ASP A 432 -25.20 12.05 38.60
C ASP A 432 -24.72 12.75 37.32
N LYS A 433 -24.88 14.07 37.25
CA LYS A 433 -24.44 14.84 36.05
C LYS A 433 -22.96 14.73 35.83
N ALA A 434 -22.21 14.39 36.87
CA ALA A 434 -20.75 14.27 36.77
C ALA A 434 -20.25 12.83 36.67
N ILE A 435 -21.12 11.89 36.30
CA ILE A 435 -20.70 10.48 36.31
C ILE A 435 -19.49 10.28 35.41
N THR A 436 -19.40 10.97 34.27
CA THR A 436 -18.29 10.74 33.34
C THR A 436 -16.97 11.24 33.91
N GLN A 437 -16.99 12.33 34.64
CA GLN A 437 -15.75 12.78 35.27
C GLN A 437 -15.34 11.80 36.37
N LYS A 438 -16.26 11.22 37.13
CA LYS A 438 -15.86 10.14 38.05
C LYS A 438 -15.32 8.92 37.35
N ARG A 439 -15.86 8.53 36.21
CA ARG A 439 -15.29 7.41 35.46
C ARG A 439 -13.88 7.69 34.96
N GLN A 440 -13.61 8.94 34.59
CA GLN A 440 -12.32 9.36 34.05
C GLN A 440 -11.25 9.37 35.19
N ALA A 441 -11.61 9.92 36.35
CA ALA A 441 -10.75 9.90 37.53
C ALA A 441 -10.36 8.48 37.96
N ALA A 442 -11.21 7.49 37.73
CA ALA A 442 -10.91 6.15 38.22
C ALA A 442 -10.34 5.19 37.14
N LEU A 443 -10.18 5.71 35.92
CA LEU A 443 -9.65 4.92 34.78
C LEU A 443 -8.31 4.34 35.13
N TYR A 444 -7.47 5.12 35.81
CA TYR A 444 -6.17 4.63 36.20
C TYR A 444 -5.90 4.85 37.69
N ASN A 445 -5.46 3.77 38.30
CA ASN A 445 -4.94 3.76 39.66
C ASN A 445 -3.99 4.92 40.02
N LEU A 446 -4.21 5.69 41.07
CA LEU A 446 -3.33 6.89 41.32
C LEU A 446 -1.77 6.84 41.12
N ASP A 447 -1.17 5.64 41.14
CA ASP A 447 0.31 5.50 41.07
C ASP A 447 0.73 5.48 39.56
N GLU A 448 -0.14 4.86 38.77
CA GLU A 448 0.00 4.70 37.34
C GLU A 448 -0.07 6.01 36.60
N LYS A 449 -0.87 6.98 37.11
CA LYS A 449 -1.08 8.29 36.48
C LYS A 449 0.20 9.10 36.45
N SER A 450 1.09 8.82 37.41
CA SER A 450 2.33 9.57 37.55
C SER A 450 3.48 8.92 36.78
N THR A 451 3.27 7.73 36.24
CA THR A 451 4.27 7.09 35.42
C THR A 451 3.86 7.19 33.96
N LEU A 452 4.69 7.81 33.16
CA LEU A 452 4.39 7.91 31.78
C LEU A 452 4.97 6.69 31.12
N ARG A 453 4.23 6.02 30.29
CA ARG A 453 4.84 4.97 29.49
C ARG A 453 4.67 5.16 27.99
N ARG A 454 5.56 4.45 27.29
CA ARG A 454 5.75 4.57 25.85
C ARG A 454 5.67 3.18 25.21
N SER A 455 4.77 3.06 24.24
CA SER A 455 4.51 1.81 23.56
C SER A 455 5.72 1.13 22.98
N HIS A 456 6.67 1.90 22.43
CA HIS A 456 7.80 1.32 21.74
C HIS A 456 8.76 0.67 22.77
N GLU A 457 8.57 0.95 24.04
CA GLU A 457 9.40 0.29 24.99
C GLU A 457 8.76 -1.01 25.53
N ASN A 458 7.55 -1.35 25.12
CA ASN A 458 6.88 -2.58 25.60
C ASN A 458 7.56 -3.80 25.02
N PRO A 459 8.18 -4.61 25.89
CA PRO A 459 8.87 -5.80 25.31
C PRO A 459 7.98 -6.77 24.52
N SER A 460 6.72 -6.94 24.86
CA SER A 460 5.79 -7.72 24.01
C SER A 460 5.55 -7.09 22.60
N ILE A 461 5.34 -5.78 22.52
CA ILE A 461 5.27 -5.08 21.23
C ILE A 461 6.55 -5.25 20.41
N ARG A 462 7.71 -5.05 21.02
CA ARG A 462 8.97 -5.16 20.32
C ARG A 462 9.18 -6.55 19.77
N GLU A 463 8.91 -7.57 20.58
CA GLU A 463 9.00 -8.96 20.09
C GLU A 463 8.03 -9.17 18.88
N LEU A 464 6.77 -8.77 19.03
CA LEU A 464 5.86 -8.86 17.93
C LEU A 464 6.43 -8.23 16.63
N TYR A 465 6.97 -7.03 16.71
CA TYR A 465 7.56 -6.41 15.49
C TYR A 465 8.85 -7.07 15.02
N ASP A 466 9.74 -7.43 15.93
CA ASP A 466 11.00 -8.04 15.53
C ASP A 466 10.89 -9.47 14.93
N THR A 467 9.87 -10.25 15.30
CA THR A 467 9.81 -11.65 14.84
C THR A 467 8.72 -11.90 13.86
N TYR A 468 7.74 -11.01 13.79
CA TYR A 468 6.60 -11.24 12.97
C TYR A 468 6.24 -10.11 12.00
N LEU A 469 6.17 -8.84 12.43
CA LEU A 469 5.79 -7.77 11.48
C LEU A 469 6.87 -7.03 10.68
N GLY A 470 8.11 -6.90 11.14
CA GLY A 470 9.08 -6.01 10.48
C GLY A 470 9.00 -4.62 11.12
N GLU A 471 8.65 -3.62 10.32
CA GLU A 471 8.65 -2.24 10.74
C GLU A 471 7.23 -1.70 10.79
N PRO A 472 6.99 -0.73 11.66
CA PRO A 472 5.73 -0.03 11.57
C PRO A 472 5.55 0.58 10.16
N LEU A 473 4.32 0.60 9.64
CA LEU A 473 4.03 1.09 8.32
C LEU A 473 4.51 0.18 7.24
N GLY A 474 5.26 -0.87 7.54
CA GLY A 474 5.77 -1.75 6.50
C GLY A 474 4.66 -2.69 5.99
N HIS A 475 5.06 -3.50 5.04
CA HIS A 475 4.16 -4.31 4.35
C HIS A 475 3.25 -5.20 5.22
N LYS A 476 3.85 -6.00 6.10
CA LYS A 476 3.07 -6.88 6.98
C LYS A 476 2.20 -6.12 7.94
N ALA A 477 2.71 -5.03 8.47
CA ALA A 477 1.89 -4.22 9.39
C ALA A 477 0.68 -3.58 8.68
N HIS A 478 0.90 -3.18 7.46
CA HIS A 478 -0.14 -2.63 6.66
C HIS A 478 -1.25 -3.63 6.39
N GLU A 479 -0.87 -4.80 5.94
CA GLU A 479 -1.83 -5.87 5.66
C GLU A 479 -2.60 -6.22 6.91
N LEU A 480 -1.96 -6.23 8.06
CA LEU A 480 -2.63 -6.69 9.27
C LEU A 480 -3.34 -5.61 10.05
N LEU A 481 -2.78 -4.40 10.06
CA LEU A 481 -3.16 -3.39 11.06
C LEU A 481 -3.78 -2.14 10.47
N HIS A 482 -3.83 -2.06 9.13
CA HIS A 482 -4.35 -0.90 8.40
C HIS A 482 -5.56 -1.23 7.53
N THR A 483 -6.30 -0.20 7.14
CA THR A 483 -7.61 -0.35 6.53
C THR A 483 -7.81 0.81 5.58
N HIS A 484 -8.99 0.88 5.01
CA HIS A 484 -9.35 1.91 4.02
C HIS A 484 -10.80 2.34 4.25
N TYR A 485 -11.25 3.38 3.55
CA TYR A 485 -12.59 3.91 3.74
C TYR A 485 -13.26 4.02 2.39
N VAL A 486 -14.58 3.99 2.40
CA VAL A 486 -15.33 3.84 1.15
C VAL A 486 -16.30 5.03 1.05
N ALA A 487 -16.22 5.78 -0.04
CA ALA A 487 -17.16 6.90 -0.25
C ALA A 487 -18.62 6.38 -0.21
N GLY A 488 -19.45 6.95 0.65
CA GLY A 488 -20.86 6.62 0.60
C GLY A 488 -21.16 5.59 1.67
N GLY A 489 -20.13 5.02 2.28
CA GLY A 489 -20.32 4.14 3.43
C GLY A 489 -20.58 2.72 3.03
N VAL A 490 -20.88 1.87 4.02
CA VAL A 490 -21.05 0.42 3.78
C VAL A 490 -22.37 -0.34 4.16
N LEU B 65 -8.40 18.68 -31.02
CA LEU B 65 -7.09 18.33 -31.71
C LEU B 65 -6.57 16.94 -31.33
N SER B 66 -6.06 16.19 -32.30
CA SER B 66 -5.44 14.89 -32.02
C SER B 66 -4.24 15.07 -31.08
N HIS B 67 -3.75 13.97 -30.52
CA HIS B 67 -2.50 13.99 -29.74
C HIS B 67 -1.22 14.29 -30.56
N VAL B 68 -1.15 13.79 -31.81
CA VAL B 68 -0.08 14.17 -32.72
C VAL B 68 -0.08 15.71 -32.90
N GLN B 69 -1.24 16.34 -33.14
CA GLN B 69 -1.35 17.80 -33.39
C GLN B 69 -0.96 18.53 -32.11
N GLN B 70 -1.33 18.00 -30.94
CA GLN B 70 -0.99 18.71 -29.70
C GLN B 70 0.50 18.66 -29.48
N ALA B 71 1.06 17.48 -29.68
CA ALA B 71 2.49 17.32 -29.56
C ALA B 71 3.28 18.17 -30.56
N LEU B 72 2.92 18.16 -31.85
CA LEU B 72 3.61 19.03 -32.90
C LEU B 72 3.48 20.58 -32.58
N ALA B 73 2.37 21.02 -32.04
CA ALA B 73 2.19 22.40 -31.62
C ALA B 73 3.14 22.74 -30.49
N GLU B 74 3.37 21.85 -29.54
CA GLU B 74 4.34 22.15 -28.46
C GLU B 74 5.74 22.22 -29.04
N LEU B 75 6.03 21.32 -29.99
CA LEU B 75 7.33 21.26 -30.62
C LEU B 75 7.63 22.52 -31.46
N ALA B 76 6.63 23.14 -32.06
CA ALA B 76 6.89 24.16 -33.06
C ALA B 76 7.35 25.49 -32.49
N LYS B 77 7.20 25.64 -31.17
CA LYS B 77 7.45 26.88 -30.46
C LYS B 77 8.94 27.12 -30.31
N PRO B 78 9.40 28.30 -30.67
CA PRO B 78 10.79 28.74 -30.44
C PRO B 78 11.24 28.52 -29.01
N LYS B 79 12.52 28.27 -28.82
CA LYS B 79 13.08 28.14 -27.46
C LYS B 79 12.85 29.47 -26.70
N ASP B 80 12.78 30.60 -27.37
CA ASP B 80 12.58 31.81 -26.60
C ASP B 80 11.11 32.26 -26.43
N ASP B 81 10.13 31.41 -26.78
CA ASP B 81 8.74 31.73 -26.44
C ASP B 81 8.65 31.47 -24.92
N PRO B 82 8.04 32.41 -24.17
CA PRO B 82 7.85 32.19 -22.71
C PRO B 82 6.97 31.00 -22.37
N THR B 83 5.99 30.69 -23.22
CA THR B 83 5.13 29.51 -23.02
C THR B 83 5.71 28.12 -23.48
N ARG B 84 7.00 28.07 -23.83
CA ARG B 84 7.63 26.87 -24.34
C ARG B 84 7.82 25.85 -23.24
N LYS B 85 7.45 24.65 -23.50
CA LYS B 85 7.66 23.61 -22.51
C LYS B 85 8.95 22.86 -22.84
N HIS B 86 9.40 22.08 -21.88
CA HIS B 86 10.43 21.10 -22.11
C HIS B 86 9.68 19.90 -22.70
N VAL B 87 10.18 19.39 -23.82
CA VAL B 87 9.58 18.23 -24.47
C VAL B 87 10.55 17.06 -24.47
N CSD B 88 10.07 16.00 -23.91
CA CSD B 88 10.74 14.75 -23.56
CB CSD B 88 10.48 14.26 -22.13
SG CSD B 88 10.72 15.38 -20.89
C CSD B 88 10.23 13.73 -24.56
O CSD B 88 9.03 13.73 -24.86
OD1 CSD B 88 9.75 15.22 -19.86
OD2 CSD B 88 12.01 15.28 -20.29
N VAL B 89 10.52 12.73 -25.36
CA VAL B 89 10.08 11.55 -26.10
C VAL B 89 10.75 10.24 -25.66
N GLN B 90 9.99 9.30 -25.53
CA GLN B 90 10.49 7.96 -25.28
C GLN B 90 10.08 6.99 -26.39
N VAL B 91 10.98 6.11 -26.77
CA VAL B 91 10.81 5.25 -27.91
C VAL B 91 10.88 3.78 -27.58
N ALA B 92 9.85 3.02 -27.95
CA ALA B 92 9.83 1.57 -27.72
C ALA B 92 10.69 0.85 -28.74
N PRO B 93 11.29 -0.30 -28.39
CA PRO B 93 12.11 -1.01 -29.38
C PRO B 93 11.41 -1.47 -30.62
N ALA B 94 10.15 -1.81 -30.51
CA ALA B 94 9.39 -2.29 -31.68
C ALA B 94 9.19 -1.17 -32.70
N VAL B 95 9.16 0.07 -32.25
CA VAL B 95 9.18 1.23 -33.13
C VAL B 95 10.50 1.33 -33.93
N ARG B 96 11.60 1.33 -33.21
CA ARG B 96 12.92 1.49 -33.75
C ARG B 96 13.19 0.49 -34.86
N VAL B 97 12.71 -0.75 -34.72
CA VAL B 97 12.96 -1.75 -35.72
C VAL B 97 12.02 -1.63 -36.92
N ALA B 98 10.79 -1.14 -36.73
CA ALA B 98 9.82 -1.06 -37.86
C ALA B 98 9.76 0.28 -38.62
N ILE B 99 10.29 1.34 -38.02
CA ILE B 99 10.17 2.67 -38.62
C ILE B 99 10.82 2.76 -39.97
N ALA B 100 11.82 1.94 -40.27
CA ALA B 100 12.40 1.96 -41.63
C ALA B 100 11.41 1.55 -42.70
N GLU B 101 10.43 0.73 -42.35
CA GLU B 101 9.41 0.28 -43.35
C GLU B 101 8.55 1.43 -43.84
N THR B 102 8.39 2.46 -43.02
CA THR B 102 7.70 3.70 -43.42
C THR B 102 8.31 4.42 -44.59
N LEU B 103 9.61 4.16 -44.87
CA LEU B 103 10.34 4.63 -46.02
C LEU B 103 10.49 3.57 -47.08
N GLY B 104 9.81 2.43 -46.91
CA GLY B 104 9.87 1.38 -47.93
C GLY B 104 11.08 0.49 -47.82
N LEU B 105 11.75 0.47 -46.67
CA LEU B 105 12.97 -0.35 -46.48
C LEU B 105 12.65 -1.52 -45.58
N ALA B 106 13.59 -2.43 -45.43
CA ALA B 106 13.44 -3.56 -44.54
C ALA B 106 13.48 -3.20 -43.05
N PRO B 107 12.89 -4.04 -42.19
CA PRO B 107 13.01 -3.71 -40.79
C PRO B 107 14.46 -3.68 -40.38
N GLY B 108 14.78 -2.75 -39.48
CA GLY B 108 16.14 -2.54 -39.02
C GLY B 108 17.08 -1.84 -39.96
N ALA B 109 16.59 -1.31 -41.08
CA ALA B 109 17.53 -0.68 -42.03
C ALA B 109 17.96 0.77 -41.61
N THR B 110 17.34 1.32 -40.60
CA THR B 110 17.84 2.53 -40.01
C THR B 110 18.25 2.24 -38.58
N THR B 111 19.34 2.87 -38.16
CA THR B 111 19.91 2.59 -36.81
C THR B 111 19.11 3.28 -35.75
N PRO B 112 19.27 2.84 -34.51
CA PRO B 112 18.65 3.53 -33.39
C PRO B 112 19.10 5.00 -33.23
N LYS B 113 20.34 5.35 -33.53
CA LYS B 113 20.75 6.72 -33.36
C LYS B 113 20.39 7.61 -34.55
N GLN B 114 20.09 7.01 -35.71
CA GLN B 114 19.52 7.81 -36.77
C GLN B 114 18.14 8.28 -36.35
N LEU B 115 17.45 7.43 -35.65
CA LEU B 115 16.10 7.74 -35.19
C LEU B 115 16.13 8.82 -34.08
N ALA B 116 17.11 8.74 -33.19
CA ALA B 116 17.29 9.72 -32.17
C ALA B 116 17.65 11.08 -32.81
N GLU B 117 18.49 11.12 -33.84
CA GLU B 117 18.74 12.34 -34.57
C GLU B 117 17.45 12.91 -35.20
N GLY B 118 16.59 12.07 -35.80
CA GLY B 118 15.34 12.57 -36.42
C GLY B 118 14.39 13.22 -35.39
N LEU B 119 14.25 12.61 -34.24
CA LEU B 119 13.43 13.11 -33.17
C LEU B 119 13.97 14.40 -32.66
N ARG B 120 15.29 14.50 -32.55
CA ARG B 120 15.92 15.71 -32.11
C ARG B 120 15.63 16.82 -33.12
N ARG B 121 15.60 16.52 -34.42
CA ARG B 121 15.25 17.50 -35.40
C ARG B 121 13.77 17.92 -35.46
N LEU B 122 12.83 17.14 -34.90
CA LEU B 122 11.46 17.64 -34.70
C LEU B 122 11.37 18.67 -33.55
N GLY B 123 12.42 18.76 -32.70
CA GLY B 123 12.51 19.72 -31.60
C GLY B 123 12.40 19.13 -30.19
N PHE B 124 12.41 17.79 -30.05
CA PHE B 124 12.40 17.23 -28.72
C PHE B 124 13.66 17.76 -28.00
N ASP B 125 13.55 18.06 -26.72
CA ASP B 125 14.70 18.38 -25.86
C ASP B 125 15.38 17.15 -25.22
N GLU B 126 14.64 16.05 -25.03
CA GLU B 126 15.28 14.78 -24.64
C GLU B 126 14.72 13.65 -25.46
N VAL B 127 15.57 12.67 -25.72
CA VAL B 127 15.20 11.52 -26.37
C VAL B 127 15.62 10.30 -25.59
N PHE B 128 14.64 9.53 -25.14
CA PHE B 128 14.85 8.48 -24.16
C PHE B 128 14.45 7.14 -24.73
N ASP B 129 15.07 6.11 -24.20
CA ASP B 129 14.79 4.72 -24.66
C ASP B 129 13.88 4.09 -23.66
N THR B 130 12.71 3.70 -24.09
CA THR B 130 11.82 2.99 -23.18
C THR B 130 12.44 1.73 -22.47
N LEU B 131 13.57 1.20 -22.96
CA LEU B 131 14.20 0.11 -22.23
C LEU B 131 14.64 0.52 -20.81
N PHE B 132 14.84 1.82 -20.55
CA PHE B 132 15.12 2.26 -19.18
C PHE B 132 13.93 1.98 -18.26
N GLY B 133 12.73 2.28 -18.74
CA GLY B 133 11.50 2.05 -18.06
C GLY B 133 11.37 0.51 -17.90
N ALA B 134 11.73 -0.24 -18.91
CA ALA B 134 11.63 -1.70 -18.82
C ALA B 134 12.51 -2.21 -17.73
N ASP B 135 13.69 -1.60 -17.54
CA ASP B 135 14.57 -2.01 -16.44
C ASP B 135 13.92 -1.77 -15.07
N LEU B 136 13.14 -0.69 -14.91
CA LEU B 136 12.35 -0.47 -13.68
C LEU B 136 11.25 -1.50 -13.52
N THR B 137 10.58 -1.81 -14.62
CA THR B 137 9.55 -2.80 -14.56
C THR B 137 10.10 -4.18 -14.17
N ILE B 138 11.28 -4.51 -14.65
CA ILE B 138 11.94 -5.76 -14.27
C ILE B 138 12.25 -5.77 -12.77
N MET B 139 12.73 -4.66 -12.23
CA MET B 139 13.08 -4.62 -10.84
C MET B 139 11.86 -4.89 -9.97
N GLU B 140 10.76 -4.21 -10.34
CA GLU B 140 9.59 -4.28 -9.53
C GLU B 140 8.91 -5.65 -9.64
N GLU B 141 8.73 -6.16 -10.85
CA GLU B 141 7.98 -7.33 -11.11
C GLU B 141 8.75 -8.54 -10.69
N GLY B 142 10.04 -8.52 -10.86
CA GLY B 142 10.89 -9.60 -10.34
C GLY B 142 10.74 -9.77 -8.82
N SER B 143 10.92 -8.66 -8.07
CA SER B 143 10.72 -8.70 -6.60
C SER B 143 9.30 -9.04 -6.23
N GLU B 144 8.34 -8.60 -7.02
CA GLU B 144 6.93 -8.92 -6.79
C GLU B 144 6.62 -10.42 -6.95
N LEU B 145 7.12 -11.04 -8.01
CA LEU B 145 7.00 -12.48 -8.17
C LEU B 145 7.68 -13.22 -7.02
N LEU B 146 8.89 -12.81 -6.61
CA LEU B 146 9.60 -13.52 -5.54
C LEU B 146 8.90 -13.36 -4.19
N HIS B 147 8.33 -12.18 -3.97
CA HIS B 147 7.62 -11.86 -2.71
C HIS B 147 6.36 -12.75 -2.60
N ARG B 148 5.55 -12.85 -3.66
CA ARG B 148 4.40 -13.75 -3.64
C ARG B 148 4.79 -15.22 -3.47
N LEU B 149 5.85 -15.63 -4.12
CA LEU B 149 6.31 -17.00 -3.97
C LEU B 149 6.75 -17.28 -2.54
N THR B 150 7.47 -16.34 -1.95
CA THR B 150 7.92 -16.46 -0.58
C THR B 150 6.73 -16.60 0.36
N GLU B 151 5.77 -15.68 0.24
CA GLU B 151 4.56 -15.72 1.05
C GLU B 151 3.82 -17.06 0.94
N HIS B 152 3.81 -17.67 -0.23
CA HIS B 152 3.06 -18.90 -0.43
C HIS B 152 3.85 -20.04 0.12
N LEU B 153 5.19 -19.96 0.07
CA LEU B 153 6.03 -21.02 0.65
C LEU B 153 6.01 -21.03 2.18
N GLU B 154 5.87 -19.85 2.80
CA GLU B 154 5.71 -19.80 4.24
C GLU B 154 4.26 -20.13 4.69
N ALA B 155 3.39 -20.47 3.73
CA ALA B 155 1.96 -20.75 3.96
C ALA B 155 1.19 -19.62 4.67
N HIS B 156 1.59 -18.36 4.39
CA HIS B 156 0.95 -17.12 4.89
C HIS B 156 0.79 -16.20 3.73
N PRO B 157 0.11 -16.68 2.69
CA PRO B 157 -0.20 -15.79 1.58
C PRO B 157 -1.06 -14.58 2.01
N HIS B 158 -0.75 -13.37 1.53
CA HIS B 158 -1.71 -12.25 1.61
C HIS B 158 -2.82 -12.35 0.55
N SER B 159 -4.03 -12.06 0.99
CA SER B 159 -5.26 -12.27 0.19
C SER B 159 -5.31 -11.38 -1.07
N ASP B 160 -4.71 -10.21 -0.98
CA ASP B 160 -4.60 -9.32 -2.11
C ASP B 160 -3.39 -9.65 -3.00
N GLU B 161 -2.60 -10.68 -2.67
CA GLU B 161 -1.45 -11.06 -3.50
C GLU B 161 -1.34 -12.57 -3.75
N PRO B 162 -2.35 -13.16 -4.41
CA PRO B 162 -2.35 -14.62 -4.63
C PRO B 162 -1.54 -14.99 -5.89
N LEU B 163 -1.24 -16.28 -5.97
CA LEU B 163 -0.67 -16.86 -7.15
C LEU B 163 -1.84 -17.66 -7.69
N PRO B 164 -1.92 -17.77 -9.00
CA PRO B 164 -0.84 -17.37 -9.90
C PRO B 164 -0.79 -15.90 -10.10
N MET B 165 0.33 -15.41 -10.64
CA MET B 165 0.47 -14.02 -11.01
C MET B 165 0.41 -13.79 -12.51
N PHE B 166 -0.32 -12.78 -12.98
CA PHE B 166 -0.36 -12.41 -14.35
C PHE B 166 0.39 -11.11 -14.53
N THR B 167 1.04 -10.92 -15.69
CA THR B 167 1.67 -9.63 -16.03
C THR B 167 0.62 -8.54 -16.32
N SER B 168 1.09 -7.31 -16.46
CA SER B 168 0.21 -6.19 -16.63
C SER B 168 0.61 -5.17 -17.66
N CSO B 169 1.92 -5.26 -18.46
CA CSO B 169 2.28 -4.27 -19.46
CA CSO B 169 2.35 -4.45 -19.61
CB CSO B 169 3.67 -4.61 -20.01
CB CSO B 169 3.63 -5.07 -20.17
SG CSO B 169 3.82 -6.36 -20.20
SG CSO B 169 3.20 -6.35 -21.31
C CSO B 169 1.29 -4.30 -20.57
O CSO B 169 1.28 -3.23 -21.24
OD CSO B 169 5.51 -6.58 -20.44
OD CSO B 169 3.79 -5.73 -22.82
N CYS B 170 0.51 -4.91 -21.40
CA CYS B 170 -0.49 -4.85 -22.45
C CYS B 170 -1.82 -4.31 -21.92
N PRO B 171 -2.24 -3.16 -22.44
CA PRO B 171 -3.50 -2.54 -22.02
C PRO B 171 -4.66 -3.28 -22.56
N GLY B 172 -4.43 -4.11 -23.57
CA GLY B 172 -5.50 -4.84 -24.18
C GLY B 172 -5.93 -5.92 -23.25
N TRP B 173 -4.97 -6.51 -22.55
CA TRP B 173 -5.32 -7.52 -21.53
C TRP B 173 -5.99 -6.85 -20.34
N ILE B 174 -5.48 -5.68 -19.95
CA ILE B 174 -6.05 -4.93 -18.81
C ILE B 174 -7.53 -4.58 -19.08
N ALA B 175 -7.87 -4.14 -20.28
CA ALA B 175 -9.25 -3.76 -20.52
C ALA B 175 -10.15 -4.96 -20.38
N MET B 176 -9.71 -6.07 -20.96
CA MET B 176 -10.46 -7.33 -20.87
C MET B 176 -10.53 -7.81 -19.44
N LEU B 177 -9.41 -7.70 -18.73
CA LEU B 177 -9.44 -8.06 -17.30
C LEU B 177 -10.55 -7.35 -16.53
N GLU B 178 -10.52 -6.02 -16.64
CA GLU B 178 -11.48 -5.20 -15.90
C GLU B 178 -12.93 -5.36 -16.35
N LYS B 179 -13.16 -5.48 -17.64
CA LYS B 179 -14.49 -5.63 -18.16
C LYS B 179 -15.10 -7.04 -17.91
N SER B 180 -14.36 -8.07 -18.25
CA SER B 180 -14.93 -9.40 -18.30
C SER B 180 -14.38 -10.32 -17.25
N TYR B 181 -13.23 -9.98 -16.61
CA TYR B 181 -12.63 -10.81 -15.56
C TYR B 181 -12.33 -10.10 -14.22
N PRO B 182 -13.31 -9.39 -13.70
CA PRO B 182 -12.98 -8.64 -12.47
C PRO B 182 -12.53 -9.46 -11.23
N ASP B 183 -12.94 -10.72 -11.13
CA ASP B 183 -12.55 -11.66 -10.07
C ASP B 183 -11.08 -12.01 -10.13
N LEU B 184 -10.41 -11.77 -11.26
CA LEU B 184 -9.01 -12.07 -11.41
C LEU B 184 -8.13 -10.89 -11.09
N ILE B 185 -8.73 -9.73 -10.85
CA ILE B 185 -7.92 -8.56 -10.60
C ILE B 185 -6.81 -8.80 -9.56
N PRO B 186 -7.09 -9.45 -8.41
CA PRO B 186 -6.01 -9.62 -7.36
C PRO B 186 -4.76 -10.44 -7.81
N TYR B 187 -4.94 -11.24 -8.87
CA TYR B 187 -3.86 -12.06 -9.42
C TYR B 187 -2.91 -11.30 -10.31
N VAL B 188 -3.28 -10.10 -10.73
CA VAL B 188 -2.53 -9.33 -11.71
C VAL B 188 -1.50 -8.49 -10.99
N SER B 189 -0.29 -8.47 -11.51
CA SER B 189 0.80 -7.63 -11.03
C SER B 189 0.34 -6.21 -10.90
N SER B 190 0.80 -5.54 -9.84
CA SER B 190 0.48 -4.14 -9.60
C SER B 190 1.47 -3.18 -10.33
N CYS B 191 2.44 -3.69 -11.06
CA CYS B 191 3.42 -2.86 -11.80
C CYS B 191 2.77 -2.13 -12.92
N LYS B 192 3.14 -0.86 -13.06
CA LYS B 192 2.86 -0.09 -14.25
C LYS B 192 3.72 -0.66 -15.41
N SER B 193 3.34 -0.33 -16.64
CA SER B 193 4.14 -0.70 -17.84
C SER B 193 5.42 0.09 -17.95
N PRO B 194 6.36 -0.36 -18.77
CA PRO B 194 7.59 0.39 -18.99
C PRO B 194 7.40 1.85 -19.38
N GLN B 195 6.48 2.17 -20.28
CA GLN B 195 6.31 3.54 -20.68
C GLN B 195 5.82 4.33 -19.48
N MET B 196 4.97 3.74 -18.62
CA MET B 196 4.42 4.54 -17.50
C MET B 196 5.42 4.72 -16.38
N MET B 197 6.25 3.72 -16.19
CA MET B 197 7.28 3.86 -15.15
C MET B 197 8.24 4.95 -15.54
N LEU B 198 8.67 4.99 -16.80
CA LEU B 198 9.61 5.98 -17.24
C LEU B 198 8.96 7.36 -17.20
N ALA B 199 7.70 7.48 -17.58
CA ALA B 199 7.04 8.79 -17.49
C ALA B 199 6.95 9.30 -16.07
N ALA B 200 6.51 8.44 -15.16
CA ALA B 200 6.41 8.80 -13.72
C ALA B 200 7.77 9.31 -13.16
N MET B 201 8.83 8.65 -13.60
CA MET B 201 10.19 8.98 -13.14
C MET B 201 10.65 10.33 -13.77
N VAL B 202 10.43 10.63 -15.04
CA VAL B 202 10.97 11.91 -15.48
C VAL B 202 10.21 13.11 -14.92
N LYS B 203 8.90 12.99 -14.71
CA LYS B 203 8.12 14.05 -14.10
C LYS B 203 8.25 14.21 -12.59
N SER B 204 8.97 13.31 -11.91
CA SER B 204 9.24 13.45 -10.48
C SER B 204 10.73 13.59 -10.31
N TYR B 205 11.49 12.51 -10.46
CA TYR B 205 12.93 12.61 -10.21
C TYR B 205 13.64 13.64 -11.08
N LEU B 206 13.47 13.56 -12.40
CA LEU B 206 14.26 14.35 -13.33
C LEU B 206 13.85 15.80 -13.32
N ALA B 207 12.54 16.05 -13.35
CA ALA B 207 12.02 17.42 -13.08
C ALA B 207 12.68 18.11 -11.87
N GLU B 208 12.80 17.39 -10.78
CA GLU B 208 13.31 17.93 -9.54
C GLU B 208 14.82 18.11 -9.69
N LYS B 209 15.47 17.17 -10.34
CA LYS B 209 16.90 17.28 -10.56
C LYS B 209 17.23 18.51 -11.41
N LYS B 210 16.39 18.87 -12.37
CA LYS B 210 16.70 19.95 -13.29
C LYS B 210 16.06 21.26 -12.87
N GLY B 211 15.41 21.31 -11.72
CA GLY B 211 14.71 22.56 -11.29
C GLY B 211 13.62 22.93 -12.31
N ILE B 212 12.98 21.94 -12.92
CA ILE B 212 11.89 22.24 -13.84
C ILE B 212 10.54 21.82 -13.21
N ALA B 213 9.56 22.72 -13.11
CA ALA B 213 8.26 22.32 -12.57
C ALA B 213 7.62 21.30 -13.52
N PRO B 214 7.05 20.21 -12.99
CA PRO B 214 6.41 19.19 -13.82
C PRO B 214 5.36 19.73 -14.79
N LYS B 215 4.72 20.85 -14.45
CA LYS B 215 3.71 21.43 -15.36
C LYS B 215 4.33 21.99 -16.62
N ASP B 216 5.62 22.30 -16.58
CA ASP B 216 6.38 22.79 -17.75
C ASP B 216 7.10 21.71 -18.58
N MET B 217 6.68 20.45 -18.38
CA MET B 217 7.19 19.30 -19.11
C MET B 217 6.07 18.59 -19.87
N VAL B 218 6.39 18.15 -21.10
CA VAL B 218 5.49 17.35 -21.88
C VAL B 218 6.21 16.06 -22.25
N MET B 219 5.50 14.96 -22.13
CA MET B 219 6.12 13.67 -22.44
C MET B 219 5.29 12.96 -23.50
N VAL B 220 5.99 12.60 -24.59
CA VAL B 220 5.44 11.85 -25.70
C VAL B 220 6.03 10.46 -25.70
N SER B 221 5.25 9.44 -26.06
CA SER B 221 5.82 8.11 -26.25
C SER B 221 5.58 7.57 -27.67
N ILE B 222 6.61 7.05 -28.34
CA ILE B 222 6.38 6.49 -29.64
C ILE B 222 6.20 4.99 -29.41
N MET B 223 5.04 4.46 -29.78
CA MET B 223 4.68 3.08 -29.48
C MET B 223 4.17 2.36 -30.67
N PRO B 224 4.23 1.02 -30.66
CA PRO B 224 3.77 0.26 -31.82
C PRO B 224 2.30 -0.07 -31.72
N CYS B 225 1.62 0.61 -30.83
CA CYS B 225 0.38 0.12 -30.32
C CYS B 225 -0.66 1.24 -30.26
N THR B 226 -1.88 0.90 -30.66
CA THR B 226 -2.99 1.82 -30.68
C THR B 226 -3.69 1.94 -29.30
N ARG B 227 -3.34 1.09 -28.35
CA ARG B 227 -3.97 1.11 -27.03
C ARG B 227 -3.20 1.80 -25.90
N LYS B 228 -1.98 2.23 -26.19
CA LYS B 228 -1.09 2.74 -25.19
C LYS B 228 -1.52 4.13 -24.81
N GLN B 229 -2.24 4.87 -25.66
CA GLN B 229 -2.82 6.13 -25.23
C GLN B 229 -3.89 5.93 -24.13
N SER B 230 -4.73 4.91 -24.30
CA SER B 230 -5.71 4.59 -23.25
C SER B 230 -5.04 4.16 -21.91
N GLU B 231 -3.90 3.50 -21.98
CA GLU B 231 -3.12 3.23 -20.77
C GLU B 231 -2.71 4.54 -20.13
N ALA B 232 -2.12 5.42 -20.92
CA ALA B 232 -1.64 6.72 -20.38
C ALA B 232 -2.71 7.58 -19.83
N ASP B 233 -3.92 7.43 -20.37
CA ASP B 233 -5.09 8.23 -19.88
C ASP B 233 -5.86 7.73 -18.60
N ARG B 234 -5.46 6.61 -18.03
CA ARG B 234 -6.04 6.20 -16.77
C ARG B 234 -5.86 7.34 -15.76
N ASP B 235 -6.95 7.73 -15.14
CA ASP B 235 -7.00 8.96 -14.33
C ASP B 235 -5.89 9.25 -13.33
N TRP B 236 -5.56 8.25 -12.52
CA TRP B 236 -4.69 8.50 -11.41
C TRP B 236 -3.23 8.48 -11.88
N PHE B 237 -3.00 8.45 -13.18
CA PHE B 237 -1.64 8.59 -13.66
C PHE B 237 -1.33 10.08 -13.81
N CSO B 238 -0.95 11.01 -12.98
CA CSO B 238 -0.83 12.44 -13.23
CB CSO B 238 -2.07 13.16 -12.72
SG CSO B 238 -2.93 12.10 -11.60
C CSO B 238 0.39 12.96 -12.52
O CSO B 238 0.99 12.21 -11.72
OD CSO B 238 -2.43 12.68 -10.05
N ALA B 241 -2.09 15.69 -7.31
CA ALA B 241 -3.51 15.58 -7.05
C ALA B 241 -4.26 15.83 -8.35
N ASP B 242 -4.37 17.10 -8.71
CA ASP B 242 -5.08 17.52 -9.92
C ASP B 242 -4.80 16.63 -11.13
N PRO B 243 -5.84 15.96 -11.63
CA PRO B 243 -5.70 15.05 -12.77
C PRO B 243 -5.22 15.75 -14.03
N THR B 244 -5.14 17.08 -13.98
CA THR B 244 -4.70 17.86 -15.13
C THR B 244 -3.33 17.40 -15.61
N LEU B 245 -2.32 17.53 -14.76
CA LEU B 245 -0.97 17.12 -15.09
C LEU B 245 -0.88 15.61 -15.29
N ARG B 246 -0.57 15.19 -16.50
CA ARG B 246 -0.45 13.78 -16.82
C ARG B 246 1.00 13.33 -16.66
N GLN B 247 1.24 12.11 -16.26
CA GLN B 247 2.60 11.60 -16.32
C GLN B 247 3.05 11.41 -17.78
N LEU B 248 2.12 11.00 -18.61
CA LEU B 248 2.40 10.76 -20.03
C LEU B 248 1.30 11.37 -20.83
N ASP B 249 1.65 12.41 -21.59
CA ASP B 249 0.69 13.26 -22.31
C ASP B 249 0.20 12.70 -23.59
N HIS B 250 1.13 12.26 -24.47
CA HIS B 250 0.81 11.89 -25.85
C HIS B 250 1.52 10.67 -26.29
N VAL B 251 0.77 9.80 -26.94
CA VAL B 251 1.28 8.60 -27.57
C VAL B 251 1.09 8.78 -29.05
N ILE B 252 2.16 8.48 -29.78
CA ILE B 252 2.22 8.51 -31.19
C ILE B 252 2.65 7.12 -31.66
N THR B 253 1.98 6.62 -32.69
CA THR B 253 2.39 5.34 -33.23
C THR B 253 3.58 5.47 -34.20
N THR B 254 4.12 4.29 -34.53
CA THR B 254 5.15 4.12 -35.51
C THR B 254 4.82 4.71 -36.82
N VAL B 255 3.59 4.49 -37.32
CA VAL B 255 3.25 4.95 -38.64
C VAL B 255 2.98 6.46 -38.61
N GLU B 256 2.46 6.97 -37.51
CA GLU B 256 2.24 8.43 -37.37
C GLU B 256 3.55 9.16 -37.35
N LEU B 257 4.52 8.63 -36.62
CA LEU B 257 5.84 9.19 -36.58
C LEU B 257 6.47 9.11 -38.00
N GLY B 258 6.32 7.98 -38.70
CA GLY B 258 6.96 7.82 -40.02
C GLY B 258 6.39 8.88 -40.95
N ASN B 259 5.08 9.16 -40.80
CA ASN B 259 4.34 10.15 -41.58
C ASN B 259 4.71 11.56 -41.29
N ILE B 260 4.94 11.89 -40.02
CA ILE B 260 5.53 13.17 -39.65
C ILE B 260 6.92 13.37 -40.30
N PHE B 261 7.80 12.38 -40.23
CA PHE B 261 9.09 12.54 -40.93
C PHE B 261 8.93 12.79 -42.41
N LYS B 262 8.07 12.02 -43.06
CA LYS B 262 7.91 12.14 -44.55
C LYS B 262 7.35 13.52 -44.98
N GLU B 263 6.46 14.09 -44.16
CA GLU B 263 5.81 15.36 -44.47
C GLU B 263 6.83 16.52 -44.42
N ARG B 264 7.83 16.39 -43.57
CA ARG B 264 8.90 17.36 -43.39
C ARG B 264 10.15 17.03 -44.18
N GLY B 265 10.12 16.03 -45.04
CA GLY B 265 11.28 15.78 -45.91
C GLY B 265 12.47 15.23 -45.11
N ILE B 266 12.23 14.55 -44.00
CA ILE B 266 13.27 13.95 -43.20
C ILE B 266 13.32 12.46 -43.54
N ASN B 267 14.45 12.04 -44.07
CA ASN B 267 14.71 10.66 -44.47
C ASN B 267 15.68 10.10 -43.50
N LEU B 268 15.18 9.26 -42.63
CA LEU B 268 15.98 8.72 -41.53
C LEU B 268 17.22 7.99 -41.99
N ALA B 269 17.10 7.33 -43.13
CA ALA B 269 18.12 6.45 -43.65
C ALA B 269 19.33 7.27 -44.07
N GLU B 270 19.17 8.57 -44.18
CA GLU B 270 20.31 9.38 -44.54
C GLU B 270 20.76 10.37 -43.45
N LEU B 271 20.20 10.31 -42.25
CA LEU B 271 20.65 11.23 -41.23
C LEU B 271 21.95 10.74 -40.65
N PRO B 272 22.71 11.65 -40.02
CA PRO B 272 23.86 11.17 -39.22
C PRO B 272 23.39 10.53 -37.94
N GLU B 273 24.31 9.90 -37.23
CA GLU B 273 23.98 9.31 -35.95
C GLU B 273 23.80 10.37 -34.88
N GLY B 274 22.67 10.31 -34.19
CA GLY B 274 22.39 11.17 -33.06
C GLY B 274 22.80 10.48 -31.78
N GLU B 275 22.40 11.04 -30.65
CA GLU B 275 22.56 10.36 -29.37
C GLU B 275 21.29 10.39 -28.51
N TRP B 276 21.18 9.38 -27.64
CA TRP B 276 20.16 9.29 -26.60
C TRP B 276 20.50 10.07 -25.33
N ASP B 277 19.47 10.44 -24.59
CA ASP B 277 19.60 11.07 -23.29
C ASP B 277 19.34 10.07 -22.18
N ASN B 278 19.99 10.27 -21.03
CA ASN B 278 19.82 9.38 -19.88
C ASN B 278 18.72 9.96 -19.02
N PRO B 279 17.71 9.20 -18.70
CA PRO B 279 16.65 9.70 -17.84
C PRO B 279 17.09 10.22 -16.48
N MET B 280 18.26 9.75 -15.98
CA MET B 280 18.89 10.30 -14.77
C MET B 280 19.41 11.69 -14.89
N GLY B 281 19.59 12.18 -16.12
CA GLY B 281 20.02 13.58 -16.40
C GLY B 281 21.51 13.91 -16.29
N VAL B 282 22.34 12.86 -16.10
CA VAL B 282 23.81 12.96 -16.09
C VAL B 282 24.37 11.68 -16.65
N GLY B 283 25.58 11.77 -17.18
CA GLY B 283 26.20 10.63 -17.87
C GLY B 283 25.64 10.49 -19.29
N SER B 284 26.46 9.92 -20.17
CA SER B 284 26.14 9.83 -21.59
C SER B 284 25.28 8.60 -21.89
N GLY B 285 24.64 8.62 -23.06
CA GLY B 285 23.94 7.45 -23.58
C GLY B 285 22.59 7.24 -22.94
N ALA B 286 21.98 6.09 -23.21
CA ALA B 286 20.60 5.86 -22.87
C ALA B 286 20.32 5.48 -21.42
N GLY B 287 21.36 5.36 -20.62
CA GLY B 287 21.20 4.91 -19.27
C GLY B 287 20.79 3.43 -19.13
N VAL B 288 20.96 2.61 -20.18
CA VAL B 288 20.77 1.15 -20.16
C VAL B 288 22.12 0.46 -20.56
N LEU B 289 22.51 -0.66 -19.95
CA LEU B 289 23.81 -1.25 -20.32
C LEU B 289 23.70 -2.00 -21.66
N PHE B 290 24.83 -2.33 -22.30
CA PHE B 290 24.87 -3.22 -23.50
C PHE B 290 24.29 -4.62 -23.15
N GLY B 291 23.48 -5.18 -24.05
CA GLY B 291 23.08 -6.59 -24.06
C GLY B 291 21.59 -6.67 -24.08
N THR B 292 21.08 -7.86 -23.78
CA THR B 292 19.65 -8.14 -23.82
C THR B 292 19.15 -8.93 -22.59
N THR B 293 17.89 -8.69 -22.24
CA THR B 293 17.27 -9.30 -21.09
C THR B 293 16.36 -10.47 -21.45
N GLY B 294 15.96 -10.58 -22.72
CA GLY B 294 14.87 -11.47 -23.16
C GLY B 294 13.49 -10.89 -22.95
N GLY B 295 13.41 -9.64 -22.49
CA GLY B 295 12.11 -9.03 -22.26
C GLY B 295 11.71 -9.08 -20.76
N VAL B 296 10.75 -8.23 -20.41
CA VAL B 296 10.33 -8.05 -19.02
C VAL B 296 9.99 -9.39 -18.29
N MET B 297 9.19 -10.24 -18.89
CA MET B 297 8.71 -11.44 -18.25
C MET B 297 9.89 -12.32 -17.92
N GLU B 298 10.74 -12.60 -18.91
CA GLU B 298 11.89 -13.40 -18.67
C GLU B 298 12.83 -12.80 -17.69
N ALA B 299 13.07 -11.50 -17.73
CA ALA B 299 14.07 -10.88 -16.82
C ALA B 299 13.53 -10.88 -15.42
N ALA B 300 12.21 -10.76 -15.27
CA ALA B 300 11.55 -10.86 -13.93
C ALA B 300 11.71 -12.24 -13.27
N LEU B 301 11.51 -13.28 -14.08
CA LEU B 301 11.77 -14.66 -13.66
C LEU B 301 13.21 -14.84 -13.32
N ARG B 302 14.12 -14.26 -14.13
CA ARG B 302 15.54 -14.46 -13.89
C ARG B 302 15.89 -13.82 -12.52
N THR B 303 15.35 -12.62 -12.30
CA THR B 303 15.52 -11.98 -11.00
C THR B 303 15.15 -12.88 -9.84
N ALA B 304 13.94 -13.41 -9.87
CA ALA B 304 13.50 -14.29 -8.82
C ALA B 304 14.28 -15.62 -8.74
N TYR B 305 14.56 -16.20 -9.88
CA TYR B 305 15.30 -17.43 -9.95
C TYR B 305 16.70 -17.33 -9.38
N GLU B 306 17.36 -16.24 -9.71
CA GLU B 306 18.76 -16.12 -9.32
C GLU B 306 18.91 -15.81 -7.82
N LEU B 307 17.98 -15.06 -7.25
CA LEU B 307 17.97 -14.91 -5.76
C LEU B 307 17.61 -16.19 -5.04
N PHE B 308 16.66 -16.92 -5.60
CA PHE B 308 16.19 -18.20 -4.96
C PHE B 308 17.24 -19.25 -5.02
N THR B 309 17.93 -19.42 -6.15
CA THR B 309 18.85 -20.58 -6.34
C THR B 309 20.34 -20.25 -6.21
N GLY B 310 20.69 -18.99 -6.49
CA GLY B 310 22.12 -18.61 -6.45
C GLY B 310 22.83 -18.99 -7.74
N THR B 311 22.08 -19.21 -8.80
CA THR B 311 22.64 -19.76 -10.03
C THR B 311 22.03 -19.03 -11.21
N PRO B 312 22.75 -18.95 -12.33
CA PRO B 312 22.17 -18.18 -13.42
C PRO B 312 21.05 -18.88 -14.20
N LEU B 313 20.08 -18.08 -14.57
CA LEU B 313 19.00 -18.51 -15.45
C LEU B 313 19.36 -18.19 -16.90
N PRO B 314 19.55 -19.22 -17.73
CA PRO B 314 19.88 -18.96 -19.13
C PRO B 314 18.70 -18.34 -19.86
N ARG B 315 18.93 -17.97 -21.13
CA ARG B 315 17.84 -17.61 -22.04
C ARG B 315 16.85 -18.77 -22.12
N LEU B 316 15.59 -18.41 -22.01
CA LEU B 316 14.46 -19.33 -22.06
C LEU B 316 14.09 -19.63 -23.50
N SER B 317 13.68 -20.87 -23.70
CA SER B 317 13.06 -21.40 -24.94
C SER B 317 11.69 -21.93 -24.53
N LEU B 318 10.67 -21.19 -24.91
CA LEU B 318 9.31 -21.59 -24.66
C LEU B 318 8.88 -22.60 -25.71
N SER B 319 8.16 -23.63 -25.30
CA SER B 319 7.54 -24.62 -26.21
C SER B 319 6.00 -24.45 -26.34
N GLU B 320 5.46 -24.75 -27.51
CA GLU B 320 3.99 -24.72 -27.75
C GLU B 320 3.23 -25.74 -26.92
N VAL B 321 2.14 -25.30 -26.33
CA VAL B 321 1.29 -26.23 -25.61
C VAL B 321 0.32 -26.91 -26.59
N ARG B 322 0.12 -28.19 -26.41
CA ARG B 322 -0.66 -28.92 -27.37
C ARG B 322 -2.10 -28.91 -26.94
N GLY B 323 -2.98 -28.67 -27.92
CA GLY B 323 -4.41 -28.55 -27.68
C GLY B 323 -4.86 -27.11 -27.47
N MET B 324 -3.92 -26.16 -27.38
CA MET B 324 -4.27 -24.74 -27.18
C MET B 324 -3.51 -23.89 -28.16
N ASP B 325 -4.23 -22.96 -28.75
CA ASP B 325 -3.71 -22.09 -29.79
C ASP B 325 -3.11 -20.94 -29.05
N GLY B 326 -1.93 -20.48 -29.49
CA GLY B 326 -1.36 -19.20 -29.09
C GLY B 326 -0.76 -19.20 -27.69
N ILE B 327 -0.52 -20.37 -27.11
CA ILE B 327 -0.04 -20.52 -25.77
C ILE B 327 1.30 -21.28 -25.76
N LYS B 328 2.30 -20.72 -25.14
CA LYS B 328 3.57 -21.40 -25.01
C LYS B 328 3.88 -21.46 -23.52
N GLU B 329 4.73 -22.39 -23.12
CA GLU B 329 5.05 -22.60 -21.74
C GLU B 329 6.51 -23.03 -21.47
N THR B 330 6.89 -22.93 -20.21
CA THR B 330 8.08 -23.61 -19.77
C THR B 330 7.98 -23.92 -18.28
N ASN B 331 8.73 -24.91 -17.84
CA ASN B 331 8.81 -25.39 -16.45
C ASN B 331 10.21 -25.21 -15.89
N ILE B 332 10.39 -24.43 -14.84
CA ILE B 332 11.75 -24.03 -14.48
C ILE B 332 12.04 -24.61 -13.13
N THR B 333 12.91 -25.56 -13.02
CA THR B 333 13.10 -26.19 -11.73
C THR B 333 14.06 -25.35 -10.85
N MET B 334 13.74 -25.27 -9.55
CA MET B 334 14.41 -24.39 -8.64
C MET B 334 14.78 -25.06 -7.31
N VAL B 335 16.07 -25.25 -7.06
CA VAL B 335 16.61 -25.70 -5.78
C VAL B 335 17.10 -24.50 -5.05
N PRO B 336 16.71 -24.31 -3.82
CA PRO B 336 17.10 -23.08 -3.19
C PRO B 336 18.58 -23.10 -2.83
N ALA B 337 19.20 -21.91 -2.77
CA ALA B 337 20.64 -21.82 -2.46
C ALA B 337 20.94 -22.44 -1.12
N PRO B 338 22.05 -23.15 -0.98
CA PRO B 338 22.38 -23.66 0.37
C PRO B 338 22.55 -22.53 1.42
N GLY B 339 22.13 -22.79 2.66
CA GLY B 339 22.14 -21.76 3.72
C GLY B 339 21.04 -20.69 3.64
N SER B 340 20.31 -20.60 2.54
CA SER B 340 19.33 -19.53 2.37
C SER B 340 18.02 -19.73 3.17
N LYS B 341 17.28 -18.63 3.33
CA LYS B 341 15.93 -18.70 3.89
C LYS B 341 15.07 -19.63 3.05
N PHE B 342 15.22 -19.61 1.72
CA PHE B 342 14.32 -20.34 0.87
C PHE B 342 14.50 -21.79 1.08
N GLU B 343 15.70 -22.19 1.48
CA GLU B 343 15.93 -23.59 1.84
C GLU B 343 15.20 -24.01 3.11
N GLU B 344 15.23 -23.15 4.15
CA GLU B 344 14.44 -23.31 5.41
C GLU B 344 12.95 -23.56 5.12
N LEU B 345 12.28 -22.58 4.47
CA LEU B 345 10.84 -22.62 4.17
C LEU B 345 10.47 -23.89 3.47
N LEU B 346 11.30 -24.34 2.52
CA LEU B 346 11.07 -25.63 1.86
C LEU B 346 11.23 -26.84 2.80
N LYS B 347 12.15 -26.79 3.77
CA LYS B 347 12.28 -27.87 4.79
C LYS B 347 11.11 -27.93 5.79
N HIS B 348 10.81 -26.79 6.45
CA HIS B 348 9.72 -26.72 7.45
C HIS B 348 8.36 -26.54 6.73
N GLY B 363 -11.35 -19.30 -4.11
CA GLY B 363 -10.84 -18.32 -5.05
C GLY B 363 -10.88 -18.81 -6.49
N PRO B 364 -11.39 -17.96 -7.38
CA PRO B 364 -11.49 -18.31 -8.79
C PRO B 364 -10.34 -19.21 -9.24
N LEU B 365 -9.13 -18.83 -8.87
CA LEU B 365 -7.94 -19.60 -9.23
C LEU B 365 -7.25 -20.11 -7.94
N ALA B 366 -7.75 -21.22 -7.43
CA ALA B 366 -7.10 -21.85 -6.31
C ALA B 366 -5.70 -22.27 -6.76
N TRP B 367 -4.71 -21.79 -6.02
CA TRP B 367 -3.35 -22.26 -6.18
C TRP B 367 -3.26 -23.66 -5.53
N ASP B 368 -2.67 -24.63 -6.25
CA ASP B 368 -2.59 -26.02 -5.84
C ASP B 368 -1.46 -26.25 -4.88
N GLY B 369 -0.76 -25.18 -4.51
CA GLY B 369 0.28 -25.34 -3.50
C GLY B 369 1.66 -25.53 -4.08
N GLY B 370 1.76 -25.54 -5.40
CA GLY B 370 3.07 -25.50 -6.07
C GLY B 370 3.48 -26.86 -6.58
N ALA B 371 4.31 -26.87 -7.61
CA ALA B 371 4.86 -28.13 -8.08
C ALA B 371 6.22 -28.45 -7.35
N GLY B 372 6.16 -29.02 -6.16
CA GLY B 372 7.35 -29.43 -5.44
C GLY B 372 7.96 -30.70 -6.01
N PHE B 373 9.25 -30.89 -5.79
CA PHE B 373 9.80 -32.23 -5.89
C PHE B 373 10.80 -32.43 -4.77
N THR B 374 11.27 -33.65 -4.68
CA THR B 374 12.05 -34.06 -3.56
C THR B 374 13.23 -34.92 -3.99
N SER B 375 14.10 -35.24 -3.03
CA SER B 375 15.23 -36.18 -3.19
C SER B 375 15.47 -36.93 -1.86
N GLU B 376 16.02 -38.15 -1.93
CA GLU B 376 16.27 -39.07 -0.76
C GLU B 376 16.94 -38.40 0.50
N ASP B 377 17.82 -37.44 0.23
CA ASP B 377 18.63 -36.75 1.24
C ASP B 377 18.08 -35.41 1.76
N GLY B 378 17.02 -34.91 1.08
CA GLY B 378 16.31 -33.72 1.50
C GLY B 378 16.31 -32.58 0.51
N ARG B 379 17.01 -32.71 -0.62
CA ARG B 379 17.14 -31.62 -1.60
C ARG B 379 15.64 -31.44 -1.80
N GLY B 380 15.13 -30.30 -1.70
CA GLY B 380 13.74 -30.03 -1.92
C GLY B 380 13.97 -29.06 -3.03
N GLY B 381 12.97 -28.98 -3.91
CA GLY B 381 12.83 -27.90 -4.87
C GLY B 381 11.36 -27.65 -5.23
N ILE B 382 11.15 -26.61 -5.99
CA ILE B 382 9.86 -26.30 -6.57
C ILE B 382 10.05 -26.07 -8.11
N THR B 383 9.02 -26.32 -8.91
CA THR B 383 9.12 -25.99 -10.30
C THR B 383 8.13 -24.98 -10.63
N LEU B 384 8.61 -23.91 -11.21
CA LEU B 384 7.84 -22.75 -11.54
C LEU B 384 7.30 -22.99 -12.96
N ARG B 385 5.97 -22.95 -13.05
CA ARG B 385 5.22 -23.28 -14.25
C ARG B 385 4.79 -21.97 -14.98
N VAL B 386 5.41 -21.67 -16.11
CA VAL B 386 5.25 -20.41 -16.78
C VAL B 386 4.48 -20.58 -18.09
N ALA B 387 3.58 -19.64 -18.39
CA ALA B 387 2.82 -19.67 -19.65
C ALA B 387 2.84 -18.33 -20.28
N VAL B 388 2.81 -18.33 -21.60
CA VAL B 388 2.68 -17.09 -22.37
C VAL B 388 1.53 -17.28 -23.34
N ALA B 389 0.63 -16.30 -23.39
CA ALA B 389 -0.51 -16.30 -24.30
C ALA B 389 -0.58 -15.09 -25.26
N ASN B 390 -0.76 -15.37 -26.53
CA ASN B 390 -1.06 -14.38 -27.57
C ASN B 390 -2.27 -14.89 -28.37
N GLY B 391 -3.30 -14.10 -28.65
CA GLY B 391 -3.71 -12.89 -27.98
C GLY B 391 -4.97 -13.19 -27.18
N LEU B 392 -5.88 -12.22 -27.11
CA LEU B 392 -6.93 -12.15 -26.10
C LEU B 392 -7.88 -13.33 -26.08
N GLY B 393 -8.14 -13.80 -27.26
CA GLY B 393 -9.13 -14.84 -27.47
C GLY B 393 -8.48 -16.07 -26.87
N ASN B 394 -7.30 -16.43 -27.39
CA ASN B 394 -6.58 -17.60 -26.89
C ASN B 394 -6.35 -17.52 -25.39
N ALA B 395 -6.12 -16.31 -24.88
CA ALA B 395 -6.09 -16.07 -23.46
C ALA B 395 -7.34 -16.42 -22.74
N LYS B 396 -8.51 -16.10 -23.29
CA LYS B 396 -9.80 -16.55 -22.67
C LYS B 396 -9.85 -18.08 -22.50
N LYS B 397 -9.36 -18.81 -23.50
CA LYS B 397 -9.36 -20.29 -23.39
C LYS B 397 -8.39 -20.80 -22.33
N LEU B 398 -7.28 -20.11 -22.10
CA LEU B 398 -6.35 -20.53 -21.07
C LEU B 398 -6.97 -20.32 -19.71
N ILE B 399 -7.57 -19.15 -19.54
CA ILE B 399 -8.24 -18.82 -18.30
C ILE B 399 -9.31 -19.84 -17.97
N THR B 400 -10.21 -20.17 -18.90
CA THR B 400 -11.22 -21.20 -18.66
C THR B 400 -10.60 -22.52 -18.13
N LYS B 401 -9.50 -22.93 -18.75
CA LYS B 401 -8.81 -24.16 -18.38
C LYS B 401 -8.04 -24.03 -17.04
N MET B 402 -7.45 -22.88 -16.78
CA MET B 402 -6.83 -22.62 -15.43
C MET B 402 -7.92 -22.73 -14.33
N GLN B 403 -9.07 -22.13 -14.59
CA GLN B 403 -10.26 -22.18 -13.72
C GLN B 403 -10.88 -23.53 -13.48
N ALA B 404 -10.84 -24.45 -14.44
CA ALA B 404 -11.30 -25.83 -14.17
C ALA B 404 -10.20 -26.75 -13.61
N GLY B 405 -9.00 -26.22 -13.39
CA GLY B 405 -7.89 -27.03 -12.88
C GLY B 405 -7.12 -27.88 -13.91
N GLU B 406 -7.42 -27.72 -15.22
CA GLU B 406 -6.69 -28.43 -16.34
C GLU B 406 -5.34 -27.85 -16.84
N ALA B 407 -5.10 -26.57 -16.61
CA ALA B 407 -3.80 -25.95 -16.93
C ALA B 407 -3.29 -25.34 -15.61
N LYS B 408 -2.11 -25.76 -15.17
CA LYS B 408 -1.59 -25.27 -13.90
C LYS B 408 -0.37 -24.40 -14.17
N TYR B 409 -0.46 -23.12 -13.81
CA TYR B 409 0.58 -22.13 -14.12
C TYR B 409 0.73 -21.22 -12.87
N ASP B 410 1.95 -20.89 -12.55
CA ASP B 410 2.24 -19.95 -11.49
C ASP B 410 2.43 -18.53 -11.98
N PHE B 411 2.85 -18.36 -13.23
CA PHE B 411 3.20 -17.00 -13.74
C PHE B 411 2.76 -16.97 -15.16
N VAL B 412 1.89 -16.02 -15.51
CA VAL B 412 1.32 -16.01 -16.83
C VAL B 412 1.43 -14.61 -17.48
N GLU B 413 1.87 -14.60 -18.71
CA GLU B 413 1.91 -13.36 -19.53
C GLU B 413 0.82 -13.38 -20.64
N ILE B 414 -0.09 -12.43 -20.64
CA ILE B 414 -1.06 -12.29 -21.70
C ILE B 414 -0.75 -11.04 -22.57
N MET B 415 -0.51 -11.22 -23.88
CA MET B 415 -0.40 -10.14 -24.89
CA MET B 415 -0.45 -10.08 -24.83
C MET B 415 -1.63 -10.15 -25.81
N ALA B 416 -2.26 -9.00 -26.11
CA ALA B 416 -3.45 -8.99 -27.00
C ALA B 416 -3.20 -9.25 -28.52
N CYS B 417 -1.99 -8.95 -28.99
CA CYS B 417 -1.63 -9.16 -30.38
C CYS B 417 -0.99 -10.52 -30.60
N PRO B 418 -1.45 -11.24 -31.61
CA PRO B 418 -0.91 -12.58 -31.95
C PRO B 418 0.62 -12.70 -32.03
N ALA B 419 1.31 -11.64 -32.52
CA ALA B 419 2.80 -11.64 -32.56
C ALA B 419 3.54 -10.75 -31.54
N GLY B 420 2.80 -10.22 -30.57
CA GLY B 420 3.33 -9.30 -29.61
C GLY B 420 3.52 -7.92 -30.24
N CYS B 421 4.18 -7.05 -29.48
CA CYS B 421 4.41 -5.66 -29.86
C CYS B 421 4.83 -5.52 -31.31
N VAL B 422 5.82 -6.28 -31.74
CA VAL B 422 6.31 -6.13 -33.09
C VAL B 422 5.23 -6.18 -34.11
N GLY B 423 4.10 -6.80 -33.78
CA GLY B 423 2.92 -6.84 -34.63
C GLY B 423 1.74 -5.99 -34.19
N GLY B 424 2.00 -4.98 -33.37
CA GLY B 424 0.99 -4.03 -32.94
C GLY B 424 0.24 -3.33 -34.05
N GLY B 425 -0.91 -2.81 -33.67
CA GLY B 425 -1.79 -2.29 -34.66
C GLY B 425 -1.30 -0.94 -35.14
N GLY B 426 -0.31 -0.38 -34.46
CA GLY B 426 0.32 0.88 -34.84
C GLY B 426 1.52 0.73 -35.79
N GLN B 427 1.87 -0.53 -36.10
CA GLN B 427 2.95 -0.83 -37.02
C GLN B 427 2.57 -0.69 -38.50
N PRO B 428 3.58 -0.49 -39.34
CA PRO B 428 3.34 -0.48 -40.77
C PRO B 428 2.73 -1.81 -41.24
N ARG B 429 2.03 -1.73 -42.36
CA ARG B 429 1.45 -2.90 -43.02
C ARG B 429 2.38 -3.35 -44.14
N SER B 430 2.50 -4.66 -44.27
CA SER B 430 3.36 -5.29 -45.23
C SER B 430 2.70 -6.51 -45.87
N THR B 431 3.01 -6.84 -47.12
CA THR B 431 2.51 -8.06 -47.75
C THR B 431 3.32 -9.31 -47.38
N ASP B 432 4.42 -9.12 -46.67
CA ASP B 432 5.28 -10.19 -46.31
C ASP B 432 4.63 -10.87 -45.10
N LYS B 433 4.21 -12.14 -45.25
CA LYS B 433 3.58 -12.87 -44.13
C LYS B 433 4.52 -13.03 -42.96
N ALA B 434 5.83 -12.91 -43.21
CA ALA B 434 6.82 -13.08 -42.16
C ALA B 434 7.41 -11.77 -41.65
N ILE B 435 6.71 -10.65 -41.89
CA ILE B 435 7.27 -9.36 -41.50
C ILE B 435 7.59 -9.31 -40.01
N THR B 436 6.77 -9.93 -39.17
CA THR B 436 6.99 -9.84 -37.71
C THR B 436 8.23 -10.63 -37.29
N GLN B 437 8.48 -11.75 -37.91
CA GLN B 437 9.72 -12.47 -37.60
C GLN B 437 10.93 -11.68 -38.07
N LYS B 438 10.89 -11.00 -39.20
CA LYS B 438 12.00 -10.09 -39.56
C LYS B 438 12.16 -8.95 -38.58
N ARG B 439 11.09 -8.38 -38.07
CA ARG B 439 11.21 -7.34 -37.04
C ARG B 439 11.84 -7.82 -35.73
N GLN B 440 11.54 -9.06 -35.37
CA GLN B 440 12.02 -9.68 -34.15
C GLN B 440 13.56 -9.98 -34.28
N ALA B 441 13.97 -10.54 -35.42
CA ALA B 441 15.38 -10.77 -35.73
C ALA B 441 16.23 -9.48 -35.68
N ALA B 442 15.64 -8.35 -36.04
CA ALA B 442 16.43 -7.13 -36.08
C ALA B 442 16.31 -6.22 -34.83
N LEU B 443 15.52 -6.67 -33.85
CA LEU B 443 15.28 -5.92 -32.59
C LEU B 443 16.59 -5.66 -31.90
N TYR B 444 17.50 -6.62 -31.89
CA TYR B 444 18.79 -6.43 -31.27
C TYR B 444 19.92 -6.79 -32.23
N ASN B 445 20.86 -5.85 -32.32
CA ASN B 445 22.13 -6.03 -32.99
C ASN B 445 22.70 -7.46 -32.73
N LEU B 446 23.21 -8.18 -33.70
CA LEU B 446 23.81 -9.52 -33.39
C LEU B 446 24.78 -9.75 -32.16
N ASP B 447 25.52 -8.72 -31.75
CA ASP B 447 26.51 -8.84 -30.64
C ASP B 447 25.81 -8.80 -29.25
N GLU B 448 24.79 -7.95 -29.20
CA GLU B 448 23.96 -7.72 -28.03
C GLU B 448 23.18 -8.95 -27.62
N LYS B 449 22.75 -9.77 -28.59
CA LYS B 449 21.93 -10.99 -28.36
C LYS B 449 22.70 -12.01 -27.54
N SER B 450 24.02 -11.99 -27.66
CA SER B 450 24.87 -12.95 -26.99
C SER B 450 25.29 -12.48 -25.61
N THR B 451 25.03 -11.23 -25.26
CA THR B 451 25.33 -10.75 -23.93
C THR B 451 24.02 -10.66 -23.14
N LEU B 452 23.96 -11.38 -22.05
CA LEU B 452 22.82 -11.30 -21.23
C LEU B 452 23.03 -10.18 -20.24
N ARG B 453 22.06 -9.31 -20.07
CA ARG B 453 22.16 -8.34 -18.99
C ARG B 453 21.00 -8.37 -18.00
N ARG B 454 21.31 -7.82 -16.84
CA ARG B 454 20.46 -7.87 -15.67
C ARG B 454 20.24 -6.44 -15.14
N SER B 455 18.98 -6.08 -15.02
CA SER B 455 18.58 -4.75 -14.59
C SER B 455 19.20 -4.27 -13.30
N HIS B 456 19.36 -5.16 -12.31
CA HIS B 456 19.83 -4.75 -11.02
C HIS B 456 21.33 -4.38 -11.09
N GLU B 457 21.99 -4.71 -12.18
CA GLU B 457 23.35 -4.30 -12.28
C GLU B 457 23.49 -2.95 -13.00
N ASN B 458 22.40 -2.35 -13.48
CA ASN B 458 22.48 -1.05 -14.18
C ASN B 458 22.83 0.05 -13.23
N PRO B 459 24.01 0.67 -13.40
CA PRO B 459 24.34 1.74 -12.41
C PRO B 459 23.36 2.93 -12.35
N SER B 460 22.71 3.29 -13.42
CA SER B 460 21.63 4.30 -13.36
C SER B 460 20.39 3.84 -12.52
N ILE B 461 19.93 2.61 -12.72
CA ILE B 461 18.89 2.02 -11.85
C ILE B 461 19.29 2.01 -10.38
N ARG B 462 20.51 1.55 -10.07
CA ARG B 462 20.95 1.47 -8.71
C ARG B 462 21.01 2.82 -8.05
N GLU B 463 21.58 3.80 -8.75
CA GLU B 463 21.56 5.17 -8.24
C GLU B 463 20.10 5.67 -7.97
N LEU B 464 19.21 5.49 -8.95
CA LEU B 464 17.84 5.86 -8.73
C LEU B 464 17.26 5.23 -7.45
N TYR B 465 17.48 3.95 -7.21
CA TYR B 465 16.98 3.31 -5.97
C TYR B 465 17.70 3.76 -4.70
N ASP B 466 19.03 3.87 -4.76
CA ASP B 466 19.78 4.27 -3.58
C ASP B 466 19.57 5.73 -3.11
N THR B 467 19.23 6.66 -3.99
CA THR B 467 19.14 8.06 -3.59
C THR B 467 17.75 8.61 -3.57
N TYR B 468 16.83 7.92 -4.23
CA TYR B 468 15.50 8.43 -4.38
C TYR B 468 14.39 7.46 -3.98
N LEU B 469 14.38 6.20 -4.45
CA LEU B 469 13.27 5.30 -4.10
C LEU B 469 13.38 4.41 -2.83
N GLY B 470 14.57 4.02 -2.38
CA GLY B 470 14.67 3.02 -1.29
C GLY B 470 14.75 1.62 -1.90
N GLU B 471 13.77 0.76 -1.59
CA GLU B 471 13.78 -0.61 -2.01
C GLU B 471 12.69 -0.87 -3.06
N PRO B 472 12.92 -1.83 -3.94
CA PRO B 472 11.81 -2.26 -4.77
C PRO B 472 10.63 -2.72 -3.89
N LEU B 473 9.39 -2.48 -4.32
CA LEU B 473 8.20 -2.82 -3.56
C LEU B 473 7.99 -1.95 -2.37
N GLY B 474 8.94 -1.09 -2.01
CA GLY B 474 8.75 -0.25 -0.84
C GLY B 474 7.81 0.92 -1.13
N HIS B 475 7.63 1.73 -0.11
CA HIS B 475 6.67 2.76 -0.13
C HIS B 475 6.77 3.73 -1.31
N LYS B 476 7.94 4.33 -1.50
CA LYS B 476 8.14 5.27 -2.61
C LYS B 476 8.01 4.63 -3.96
N ALA B 477 8.52 3.42 -4.10
CA ALA B 477 8.38 2.72 -5.40
C ALA B 477 6.91 2.36 -5.72
N HIS B 478 6.19 2.01 -4.69
CA HIS B 478 4.81 1.73 -4.85
C HIS B 478 4.01 2.95 -5.31
N GLU B 479 4.26 4.08 -4.65
CA GLU B 479 3.59 5.31 -4.98
C GLU B 479 3.91 5.77 -6.38
N LEU B 480 5.14 5.52 -6.82
CA LEU B 480 5.55 6.01 -8.13
C LEU B 480 5.33 5.02 -9.26
N LEU B 481 5.53 3.73 -8.99
CA LEU B 481 5.72 2.75 -10.06
C LEU B 481 4.63 1.68 -10.13
N HIS B 482 3.69 1.71 -9.16
CA HIS B 482 2.61 0.74 -9.07
C HIS B 482 1.22 1.35 -9.21
N THR B 483 0.24 0.51 -9.48
CA THR B 483 -1.09 0.95 -9.88
C THR B 483 -2.07 -0.09 -9.39
N HIS B 484 -3.33 0.11 -9.78
CA HIS B 484 -4.46 -0.74 -9.36
C HIS B 484 -5.42 -0.90 -10.52
N TYR B 485 -6.42 -1.77 -10.38
CA TYR B 485 -7.36 -2.04 -11.44
C TYR B 485 -8.77 -1.92 -10.91
N VAL B 486 -9.70 -1.65 -11.79
CA VAL B 486 -11.04 -1.27 -11.37
C VAL B 486 -12.03 -2.24 -12.03
N ALA B 487 -12.84 -2.91 -11.24
CA ALA B 487 -13.87 -3.80 -11.80
C ALA B 487 -14.80 -3.02 -12.75
N GLY B 488 -14.94 -3.49 -13.98
CA GLY B 488 -15.90 -2.90 -14.88
C GLY B 488 -15.22 -1.89 -15.78
N GLY B 489 -13.95 -1.57 -15.50
CA GLY B 489 -13.16 -0.74 -16.41
C GLY B 489 -13.34 0.72 -16.17
N VAL B 490 -12.74 1.54 -17.05
CA VAL B 490 -12.76 3.01 -16.91
C VAL B 490 -13.29 3.96 -18.04
FE1 SF4 C . -18.26 7.35 22.08
FE2 SF4 C . -15.95 5.37 22.08
FE3 SF4 C . -16.39 7.27 19.71
FE4 SF4 C . -18.33 4.96 20.24
S1 SF4 C . -16.21 5.15 19.97
S2 SF4 C . -18.51 7.10 19.96
S3 SF4 C . -18.07 5.24 22.35
S4 SF4 C . -16.15 7.48 21.82
CL CL D . -14.90 2.16 11.48
CL CL E . -11.21 0.23 19.98
AS ARS F . 3.47 8.48 0.72
FE1 SF4 G . -0.41 -5.62 -29.07
FE2 SF4 G . 0.00 -3.01 -27.62
FE3 SF4 G . 2.10 -5.18 -27.46
FE4 SF4 G . -0.56 -5.53 -26.06
S1 SF4 G . 0.98 -4.05 -26.03
S2 SF4 G . 0.56 -6.66 -27.48
S3 SF4 G . -1.53 -4.49 -27.64
S4 SF4 G . 1.12 -4.14 -29.04
CL CL H . 5.19 0.09 -22.31
CL CL I . -3.51 -0.49 -18.62
AS ARS J . 2.15 -9.81 0.99
#